data_2PG2
#
_entry.id   2PG2
#
_cell.length_a   161.064
_cell.length_b   80.350
_cell.length_c   69.313
_cell.angle_alpha   90.00
_cell.angle_beta   96.83
_cell.angle_gamma   90.00
#
_symmetry.space_group_name_H-M   'C 1 2 1'
#
loop_
_entity.id
_entity.type
_entity.pdbx_description
1 polymer 'Kinesin-like protein KIF11'
2 non-polymer 'MAGNESIUM ION'
3 non-polymer "ADENOSINE-5'-DIPHOSPHATE"
4 non-polymer N,N-DIETHYL-2-[(2-THIENYLCARBONYL)AMINO]-4,5,6,7-TETRAHYDRO-1-BENZOTHIOPHENE-3-CARBOXAMIDE
5 water water
#
_entity_poly.entity_id   1
_entity_poly.type   'polypeptide(L)'
_entity_poly.pdbx_seq_one_letter_code
;MASQPNSSAKKKEEKGKNIQVVVRCRPFNLAERKASAHSIVECDPVRKEVSVRTGGLADKSSRKTYTFDMVFGASTKQID
VYRSVVCPILDEVIMGYNCTIFAYGQTGTGKTFTMEGERSPNEEYTWEEDPLAGIIPRTLHQIFEKLTDNGTEFSVKVSL
LEIYNEELFDLLNPSSDVSERLQMFDDPRNKRGVIIKGLEEITVHNKDEVYQILEKGAAKRTTAATLMNAYSSRSHSVFS
VTIHMKETTIDGEELVKIGKLNLVDLAGSENIGRSGAVDKRAREAGNINQSLLTLGRVITALVERTPHVPYRESKLTRIL
QDSLGGRTRTSIIATISPASLNLEETLSTLEYAHRAKNILNKPEVNQK
;
_entity_poly.pdbx_strand_id   A,B
#
# COMPACT_ATOMS: atom_id res chain seq x y z
N GLY A 16 -10.59 40.15 7.27
CA GLY A 16 -11.36 38.87 7.17
C GLY A 16 -10.48 37.62 7.06
N LYS A 17 -9.41 37.75 6.29
CA LYS A 17 -8.39 36.70 6.11
C LYS A 17 -8.37 36.10 4.70
N ASN A 18 -7.49 36.62 3.82
CA ASN A 18 -7.18 35.96 2.53
C ASN A 18 -6.67 34.54 2.79
N ILE A 19 -6.97 33.62 1.89
CA ILE A 19 -6.40 32.26 1.99
C ILE A 19 -4.88 32.45 1.92
N GLN A 20 -4.14 31.75 2.77
CA GLN A 20 -2.69 31.82 2.72
C GLN A 20 -2.19 30.71 1.83
N VAL A 21 -1.27 31.04 0.94
CA VAL A 21 -0.77 30.05 -0.03
C VAL A 21 0.74 29.95 0.15
N VAL A 22 1.21 28.72 0.30
CA VAL A 22 2.63 28.42 0.46
C VAL A 22 3.09 27.45 -0.62
N VAL A 23 4.34 27.60 -1.03
CA VAL A 23 4.90 26.70 -2.05
C VAL A 23 5.93 25.80 -1.43
N ARG A 24 5.90 24.51 -1.79
CA ARG A 24 6.95 23.59 -1.32
C ARG A 24 7.54 22.84 -2.50
N CYS A 25 8.85 23.01 -2.70
CA CYS A 25 9.53 22.33 -3.79
C CYS A 25 10.15 21.07 -3.18
N ARG A 26 9.89 19.93 -3.80
CA ARG A 26 10.56 18.68 -3.41
C ARG A 26 12.05 18.69 -3.86
N PRO A 27 12.88 17.93 -3.14
CA PRO A 27 14.30 17.79 -3.51
C PRO A 27 14.42 16.80 -4.64
N PHE A 28 15.54 16.80 -5.35
CA PHE A 28 15.83 15.73 -6.30
C PHE A 28 15.90 14.32 -5.65
N ASN A 29 15.45 13.31 -6.38
CA ASN A 29 15.56 11.95 -5.89
C ASN A 29 16.92 11.30 -6.27
N LEU A 30 17.03 9.98 -6.08
CA LEU A 30 18.26 9.20 -6.35
C LEU A 30 18.62 9.27 -7.82
N ALA A 31 17.63 9.01 -8.66
CA ALA A 31 17.77 8.92 -10.09
C ALA A 31 18.16 10.28 -10.67
N GLU A 32 17.47 11.32 -10.21
CA GLU A 32 17.77 12.66 -10.64
C GLU A 32 19.18 13.10 -10.23
N ARG A 33 19.62 12.70 -9.04
CA ARG A 33 20.99 12.95 -8.59
C ARG A 33 21.99 12.14 -9.41
N LYS A 34 21.66 10.87 -9.69
CA LYS A 34 22.46 10.02 -10.58
C LYS A 34 22.71 10.70 -11.92
N ALA A 35 21.67 11.29 -12.50
CA ALA A 35 21.76 11.93 -13.82
C ALA A 35 22.26 13.39 -13.78
N SER A 36 22.82 13.78 -12.63
CA SER A 36 23.30 15.14 -12.34
C SER A 36 22.32 16.30 -12.67
N ALA A 37 21.02 16.06 -12.45
CA ALA A 37 20.00 17.06 -12.76
C ALA A 37 20.31 18.41 -12.09
N HIS A 38 20.02 19.48 -12.82
CA HIS A 38 20.13 20.85 -12.31
C HIS A 38 18.72 21.44 -12.17
N SER A 39 18.45 22.06 -11.03
CA SER A 39 17.13 22.61 -10.70
C SER A 39 16.76 23.80 -11.56
N ILE A 40 15.49 23.87 -11.96
CA ILE A 40 15.02 25.00 -12.73
C ILE A 40 14.26 25.94 -11.83
N VAL A 41 14.25 25.59 -10.55
CA VAL A 41 13.62 26.33 -9.48
C VAL A 41 14.63 26.87 -8.47
N GLU A 42 14.49 28.15 -8.15
CA GLU A 42 15.21 28.77 -7.04
C GLU A 42 14.18 29.36 -6.11
N CYS A 43 14.26 28.96 -4.85
CA CYS A 43 13.36 29.44 -3.82
C CYS A 43 14.10 30.36 -2.86
N ASP A 44 13.49 31.52 -2.62
CA ASP A 44 14.04 32.55 -1.72
C ASP A 44 13.01 32.87 -0.64
N PRO A 45 13.03 32.10 0.44
CA PRO A 45 12.03 32.25 1.48
C PRO A 45 11.96 33.59 2.18
N VAL A 46 13.10 34.25 2.40
CA VAL A 46 13.04 35.54 3.10
C VAL A 46 12.22 36.54 2.24
N ARG A 47 12.43 36.51 0.94
CA ARG A 47 11.66 37.28 -0.02
C ARG A 47 10.29 36.64 -0.36
N LYS A 48 10.04 35.45 0.19
CA LYS A 48 8.79 34.68 -0.06
C LYS A 48 8.58 34.44 -1.56
N GLU A 49 9.66 34.13 -2.29
CA GLU A 49 9.63 34.10 -3.73
C GLU A 49 10.08 32.77 -4.34
N VAL A 50 9.42 32.36 -5.42
CA VAL A 50 9.97 31.26 -6.23
C VAL A 50 10.27 31.72 -7.65
N SER A 51 11.46 31.37 -8.10
CA SER A 51 11.96 31.77 -9.43
C SER A 51 12.16 30.57 -10.35
N VAL A 52 11.52 30.59 -11.51
CA VAL A 52 11.57 29.48 -12.43
C VAL A 52 12.30 29.87 -13.72
N ARG A 53 13.32 29.09 -14.04
CA ARG A 53 14.02 29.19 -15.33
C ARG A 53 13.14 28.60 -16.44
N THR A 54 12.66 29.47 -17.34
CA THR A 54 11.60 29.15 -18.33
C THR A 54 12.06 28.90 -19.76
N GLY A 55 13.33 29.20 -20.05
CA GLY A 55 13.89 28.97 -21.38
C GLY A 55 15.03 27.96 -21.36
N GLY A 56 16.25 28.45 -21.56
CA GLY A 56 17.41 27.57 -21.78
C GLY A 56 18.44 27.48 -20.67
N LEU A 57 19.29 28.51 -20.55
CA LEU A 57 20.64 28.35 -19.98
C LEU A 57 20.86 28.59 -18.47
N ALA A 58 22.08 28.27 -18.03
CA ALA A 58 22.57 28.58 -16.70
C ALA A 58 23.56 29.77 -16.76
N ASP A 59 23.90 30.21 -17.99
CA ASP A 59 24.74 31.40 -18.20
C ASP A 59 23.97 32.64 -18.76
N LYS A 60 22.90 32.40 -19.52
CA LYS A 60 21.85 33.41 -19.77
C LYS A 60 20.45 32.76 -19.86
N SER A 61 19.48 33.39 -19.21
CA SER A 61 18.17 32.78 -19.00
C SER A 61 17.03 33.80 -18.79
N SER A 62 15.88 33.50 -19.38
CA SER A 62 14.63 34.13 -18.97
C SER A 62 14.14 33.45 -17.69
N ARG A 63 13.53 34.22 -16.79
CA ARG A 63 12.93 33.64 -15.59
C ARG A 63 11.54 34.20 -15.33
N LYS A 64 10.67 33.37 -14.73
CA LYS A 64 9.39 33.85 -14.21
C LYS A 64 9.43 33.77 -12.69
N THR A 65 9.02 34.84 -12.03
CA THR A 65 8.99 34.87 -10.57
C THR A 65 7.58 35.11 -9.98
N TYR A 66 7.37 34.55 -8.79
CA TYR A 66 6.10 34.56 -8.09
C TYR A 66 6.35 34.78 -6.61
N THR A 67 5.51 35.58 -5.97
CA THR A 67 5.63 35.80 -4.54
C THR A 67 4.40 35.20 -3.89
N PHE A 68 4.61 34.45 -2.81
CA PHE A 68 3.54 33.76 -2.09
C PHE A 68 3.54 34.20 -0.64
N ASP A 69 2.65 33.63 0.16
CA ASP A 69 2.66 33.90 1.59
C ASP A 69 3.87 33.27 2.26
N MET A 70 4.26 32.09 1.80
CA MET A 70 5.55 31.53 2.18
C MET A 70 6.06 30.65 1.06
N VAL A 71 7.37 30.49 0.99
CA VAL A 71 7.99 29.59 0.04
C VAL A 71 9.00 28.71 0.79
N PHE A 72 8.96 27.41 0.50
CA PHE A 72 9.83 26.40 1.08
C PHE A 72 10.56 25.66 -0.02
N GLY A 73 11.90 25.75 -0.04
CA GLY A 73 12.74 25.06 -1.04
C GLY A 73 12.98 23.57 -0.84
N ALA A 74 13.74 23.00 -1.78
CA ALA A 74 14.09 21.58 -1.71
C ALA A 74 14.67 21.08 -0.37
N SER A 75 15.37 21.96 0.36
CA SER A 75 16.00 21.57 1.64
C SER A 75 15.01 21.43 2.80
N THR A 76 13.78 21.88 2.58
CA THR A 76 12.80 21.99 3.66
C THR A 76 12.44 20.60 4.19
N LYS A 77 12.55 20.42 5.50
CA LYS A 77 12.16 19.16 6.12
C LYS A 77 10.76 19.24 6.70
N GLN A 78 10.22 18.08 7.09
CA GLN A 78 8.88 18.01 7.65
C GLN A 78 8.74 18.84 8.92
N ILE A 79 9.76 18.80 9.77
CA ILE A 79 9.71 19.59 11.00
C ILE A 79 9.60 21.12 10.70
N ASP A 80 10.23 21.58 9.61
CA ASP A 80 10.20 23.00 9.25
C ASP A 80 8.78 23.38 8.86
N VAL A 81 8.13 22.48 8.13
CA VAL A 81 6.73 22.70 7.70
C VAL A 81 5.84 22.70 8.91
N TYR A 82 6.12 21.80 9.85
CA TYR A 82 5.32 21.66 11.05
C TYR A 82 5.38 22.95 11.88
N ARG A 83 6.60 23.40 12.20
CA ARG A 83 6.79 24.59 13.05
C ARG A 83 6.24 25.86 12.42
N SER A 84 6.49 26.05 11.12
CA SER A 84 6.14 27.32 10.50
C SER A 84 4.69 27.41 10.00
N VAL A 85 4.11 26.28 9.59
CA VAL A 85 2.76 26.27 8.98
C VAL A 85 1.74 25.61 9.91
N VAL A 86 2.01 24.39 10.35
CA VAL A 86 1.00 23.61 11.07
C VAL A 86 0.74 24.12 12.50
N CYS A 87 1.82 24.44 13.22
CA CYS A 87 1.68 24.89 14.63
C CYS A 87 0.70 26.04 14.80
N PRO A 88 0.91 27.16 14.06
CA PRO A 88 -0.02 28.29 14.17
C PRO A 88 -1.48 27.92 13.82
N ILE A 89 -1.65 27.06 12.81
CA ILE A 89 -2.98 26.61 12.42
C ILE A 89 -3.62 25.74 13.50
N LEU A 90 -2.87 24.81 14.08
CA LEU A 90 -3.43 23.95 15.14
C LEU A 90 -3.82 24.73 16.41
N ASP A 91 -3.02 25.75 16.72
CA ASP A 91 -3.34 26.65 17.85
C ASP A 91 -4.67 27.33 17.64
N GLU A 92 -4.92 27.82 16.41
CA GLU A 92 -6.25 28.33 16.05
C GLU A 92 -7.39 27.28 16.19
N VAL A 93 -7.17 26.08 15.68
CA VAL A 93 -8.11 24.97 15.94
C VAL A 93 -8.40 24.77 17.45
N ILE A 94 -7.33 24.70 18.26
CA ILE A 94 -7.49 24.50 19.71
C ILE A 94 -8.21 25.69 20.40
N MET A 95 -8.17 26.87 19.80
CA MET A 95 -8.92 28.02 20.31
C MET A 95 -10.40 27.86 20.01
N GLY A 96 -10.74 26.92 19.14
CA GLY A 96 -12.15 26.62 18.87
C GLY A 96 -12.61 27.08 17.49
N TYR A 97 -11.69 27.16 16.54
CA TYR A 97 -12.00 27.64 15.21
C TYR A 97 -11.85 26.48 14.20
N ASN A 98 -12.33 26.69 12.98
CA ASN A 98 -12.20 25.67 11.95
C ASN A 98 -11.13 26.10 10.96
N CYS A 99 -10.30 25.13 10.56
CA CYS A 99 -9.20 25.44 9.62
C CYS A 99 -9.15 24.27 8.65
N THR A 100 -8.67 24.60 7.47
CA THR A 100 -8.44 23.61 6.39
C THR A 100 -7.08 23.86 5.76
N ILE A 101 -6.36 22.76 5.49
CA ILE A 101 -5.12 22.89 4.69
C ILE A 101 -5.28 21.94 3.47
N PHE A 102 -5.16 22.49 2.27
CA PHE A 102 -5.16 21.69 1.03
C PHE A 102 -3.71 21.45 0.58
N ALA A 103 -3.42 20.28 -0.03
CA ALA A 103 -2.19 20.09 -0.81
C ALA A 103 -2.62 20.02 -2.27
N TYR A 104 -1.93 20.77 -3.13
CA TYR A 104 -2.29 20.91 -4.55
C TYR A 104 -1.01 20.84 -5.42
N GLY A 105 -1.06 20.11 -6.51
CA GLY A 105 0.16 19.99 -7.34
C GLY A 105 0.13 18.69 -8.11
N GLN A 106 1.07 18.54 -9.03
CA GLN A 106 1.03 17.36 -9.89
C GLN A 106 1.49 16.13 -9.10
N THR A 107 0.98 14.97 -9.50
CA THR A 107 1.44 13.69 -8.99
C THR A 107 2.95 13.62 -9.04
N GLY A 108 3.55 13.18 -7.93
CA GLY A 108 5.00 13.09 -7.86
C GLY A 108 5.71 14.23 -7.18
N THR A 109 4.96 15.22 -6.72
CA THR A 109 5.63 16.43 -6.21
C THR A 109 5.61 16.54 -4.69
N GLY A 110 4.84 15.67 -4.01
CA GLY A 110 4.89 15.49 -2.56
C GLY A 110 3.68 15.93 -1.76
N LYS A 111 2.49 15.84 -2.36
CA LYS A 111 1.27 16.09 -1.63
C LYS A 111 1.07 15.13 -0.46
N THR A 112 1.17 13.82 -0.77
CA THR A 112 1.02 12.78 0.24
C THR A 112 2.17 12.83 1.21
N PHE A 113 3.38 13.08 0.68
CA PHE A 113 4.56 13.21 1.56
C PHE A 113 4.33 14.31 2.60
N THR A 114 3.83 15.46 2.14
CA THR A 114 3.59 16.61 3.03
C THR A 114 2.45 16.34 4.03
N MET A 115 1.30 15.88 3.54
CA MET A 115 0.13 15.69 4.41
C MET A 115 0.22 14.48 5.33
N GLU A 116 0.86 13.41 4.86
CA GLU A 116 0.90 12.16 5.63
C GLU A 116 2.30 11.83 6.08
N GLY A 117 3.24 11.92 5.13
CA GLY A 117 4.67 11.54 5.34
C GLY A 117 4.90 10.08 5.00
N GLU A 118 6.06 9.56 5.39
CA GLU A 118 6.47 8.20 5.12
C GLU A 118 7.20 7.71 6.36
N ARG A 119 7.43 6.41 6.43
CA ARG A 119 8.33 5.86 7.46
C ARG A 119 9.78 5.88 7.01
N SER A 120 10.67 6.32 7.90
CA SER A 120 12.09 6.08 7.71
C SER A 120 12.33 4.58 7.63
N PRO A 121 13.18 4.16 6.70
CA PRO A 121 13.44 2.74 6.50
C PRO A 121 14.06 2.00 7.70
N ASN A 122 13.90 0.69 7.65
CA ASN A 122 14.52 -0.24 8.57
C ASN A 122 14.10 -0.11 10.04
N GLU A 123 12.87 0.34 10.26
CA GLU A 123 12.30 0.49 11.62
C GLU A 123 13.19 1.34 12.53
N GLU A 124 13.82 2.35 11.95
CA GLU A 124 14.76 3.20 12.70
C GLU A 124 14.08 4.00 13.82
N TYR A 125 12.82 4.41 13.59
CA TYR A 125 12.05 5.24 14.53
C TYR A 125 10.67 4.71 14.86
N THR A 126 10.18 5.15 16.02
CA THR A 126 8.75 5.04 16.30
C THR A 126 8.02 6.13 15.49
N TRP A 127 6.71 5.98 15.33
CA TRP A 127 5.92 6.91 14.50
C TRP A 127 5.94 8.32 15.05
N GLU A 128 5.90 8.43 16.39
CA GLU A 128 5.95 9.70 17.12
C GLU A 128 7.19 10.51 16.83
N GLU A 129 8.30 9.84 16.54
CA GLU A 129 9.59 10.52 16.39
C GLU A 129 10.16 10.50 14.96
N ASP A 130 9.45 9.87 14.04
CA ASP A 130 9.98 9.70 12.69
C ASP A 130 10.11 11.07 12.03
N PRO A 131 11.33 11.45 11.62
CA PRO A 131 11.55 12.73 10.92
C PRO A 131 10.72 12.88 9.61
N LEU A 132 10.36 11.75 8.99
CA LEU A 132 9.59 11.78 7.71
C LEU A 132 8.05 11.85 7.93
N ALA A 133 7.59 11.81 9.18
CA ALA A 133 6.17 12.05 9.49
C ALA A 133 5.67 13.40 8.96
N GLY A 134 4.47 13.38 8.36
CA GLY A 134 3.86 14.58 7.77
C GLY A 134 2.86 15.23 8.72
N ILE A 135 1.96 16.02 8.15
CA ILE A 135 1.03 16.87 8.93
C ILE A 135 0.10 16.06 9.80
N ILE A 136 -0.57 15.06 9.22
CA ILE A 136 -1.58 14.27 9.97
C ILE A 136 -1.00 13.63 11.26
N PRO A 137 0.02 12.75 11.16
CA PRO A 137 0.55 12.18 12.41
C PRO A 137 1.10 13.25 13.41
N ARG A 138 1.85 14.23 12.91
CA ARG A 138 2.38 15.32 13.78
C ARG A 138 1.26 16.05 14.53
N THR A 139 0.18 16.39 13.81
CA THR A 139 -1.01 17.00 14.41
C THR A 139 -1.68 16.17 15.50
N LEU A 140 -1.95 14.90 15.21
CA LEU A 140 -2.57 14.01 16.18
C LEU A 140 -1.68 13.86 17.41
N HIS A 141 -0.38 13.60 17.22
CA HIS A 141 0.55 13.55 18.35
C HIS A 141 0.49 14.83 19.21
N GLN A 142 0.53 15.98 18.53
CA GLN A 142 0.60 17.25 19.26
C GLN A 142 -0.69 17.65 19.94
N ILE A 143 -1.83 17.26 19.40
CA ILE A 143 -3.10 17.52 20.08
C ILE A 143 -3.03 16.88 21.49
N PHE A 144 -2.66 15.60 21.57
CA PHE A 144 -2.57 14.92 22.88
C PHE A 144 -1.49 15.51 23.77
N GLU A 145 -0.32 15.76 23.20
CA GLU A 145 0.80 16.36 23.93
C GLU A 145 0.39 17.68 24.59
N LYS A 146 -0.22 18.58 23.81
CA LYS A 146 -0.62 19.91 24.28
C LYS A 146 -1.75 19.93 25.33
N LEU A 147 -2.75 19.09 25.11
CA LEU A 147 -3.99 19.12 25.89
C LEU A 147 -4.01 18.12 27.06
N THR A 148 -3.19 17.07 26.97
CA THR A 148 -2.97 16.14 28.08
C THR A 148 -2.12 16.88 29.14
N ASP A 149 -1.38 17.90 28.69
CA ASP A 149 -0.76 18.93 29.54
C ASP A 149 -1.84 19.70 30.34
N ASN A 150 -2.17 20.92 29.88
CA ASN A 150 -2.99 21.88 30.63
C ASN A 150 -4.27 21.34 31.27
N GLY A 151 -5.12 22.25 31.73
CA GLY A 151 -6.36 21.88 32.43
C GLY A 151 -7.54 21.67 31.50
N THR A 152 -7.36 20.80 30.50
CA THR A 152 -8.39 20.57 29.48
C THR A 152 -8.87 19.14 29.44
N GLU A 153 -10.18 19.02 29.56
CA GLU A 153 -10.90 17.77 29.33
C GLU A 153 -11.31 17.79 27.85
N PHE A 154 -10.91 16.77 27.11
CA PHE A 154 -11.06 16.82 25.64
C PHE A 154 -11.35 15.46 25.02
N SER A 155 -11.95 15.49 23.83
CA SER A 155 -12.14 14.28 23.05
C SER A 155 -11.67 14.56 21.60
N VAL A 156 -11.11 13.54 20.96
CA VAL A 156 -10.64 13.67 19.59
C VAL A 156 -11.37 12.61 18.74
N LYS A 157 -12.05 13.08 17.69
CA LYS A 157 -12.66 12.22 16.67
C LYS A 157 -12.01 12.50 15.31
N VAL A 158 -11.77 11.43 14.57
CA VAL A 158 -11.23 11.57 13.20
C VAL A 158 -12.19 10.91 12.19
N SER A 159 -12.20 11.41 10.95
CA SER A 159 -12.87 10.70 9.84
C SER A 159 -12.02 10.85 8.60
N LEU A 160 -12.18 9.91 7.65
CA LEU A 160 -11.45 9.99 6.38
C LEU A 160 -12.41 9.73 5.22
N LEU A 161 -12.82 10.82 4.60
CA LEU A 161 -13.79 10.80 3.54
C LEU A 161 -13.03 11.05 2.27
N GLU A 162 -13.21 10.16 1.31
CA GLU A 162 -12.49 10.27 0.05
C GLU A 162 -13.45 10.27 -1.15
N ILE A 163 -13.05 10.94 -2.21
CA ILE A 163 -13.88 11.13 -3.36
C ILE A 163 -13.16 10.53 -4.56
N TYR A 164 -13.83 9.63 -5.25
CA TYR A 164 -13.28 9.08 -6.49
C TYR A 164 -14.40 8.97 -7.54
N ASN A 165 -14.22 9.61 -8.69
CA ASN A 165 -15.22 9.64 -9.75
C ASN A 165 -16.57 10.12 -9.20
N GLU A 166 -16.54 11.13 -8.33
CA GLU A 166 -17.78 11.67 -7.72
C GLU A 166 -18.58 10.73 -6.81
N GLU A 167 -17.93 9.67 -6.35
CA GLU A 167 -18.49 8.80 -5.34
C GLU A 167 -17.70 8.95 -4.05
N LEU A 168 -18.38 8.69 -2.93
CA LEU A 168 -17.83 8.93 -1.61
C LEU A 168 -17.51 7.65 -0.89
N PHE A 169 -16.36 7.61 -0.26
CA PHE A 169 -15.83 6.44 0.43
C PHE A 169 -15.34 6.79 1.81
N ASP A 170 -15.52 5.86 2.74
CA ASP A 170 -15.05 6.02 4.11
C ASP A 170 -13.84 5.08 4.27
N LEU A 171 -12.67 5.68 4.43
CA LEU A 171 -11.42 4.92 4.47
C LEU A 171 -10.93 4.60 5.91
N LEU A 172 -11.72 4.91 6.93
CA LEU A 172 -11.34 4.57 8.31
C LEU A 172 -12.21 3.50 8.96
N ASN A 173 -13.48 3.45 8.58
CA ASN A 173 -14.42 2.46 9.13
C ASN A 173 -13.85 1.03 9.14
N PRO A 174 -13.49 0.52 10.35
CA PRO A 174 -12.89 -0.82 10.46
C PRO A 174 -13.79 -2.01 10.13
N SER A 175 -15.10 -1.78 9.99
CA SER A 175 -16.07 -2.88 9.79
C SER A 175 -16.97 -2.74 8.54
N SER A 176 -16.55 -1.90 7.59
CA SER A 176 -17.20 -1.88 6.27
C SER A 176 -16.11 -1.90 5.22
N ASP A 177 -16.39 -2.52 4.08
CA ASP A 177 -15.40 -2.51 3.00
C ASP A 177 -15.45 -1.19 2.24
N VAL A 178 -14.29 -0.76 1.77
CA VAL A 178 -14.19 0.56 1.11
C VAL A 178 -15.17 0.75 -0.03
N SER A 179 -15.52 -0.36 -0.70
CA SER A 179 -16.35 -0.35 -1.90
C SER A 179 -17.75 0.26 -1.73
N GLU A 180 -18.26 0.23 -0.49
CA GLU A 180 -19.57 0.78 -0.11
C GLU A 180 -19.54 2.31 -0.23
N ARG A 181 -20.25 2.88 -1.20
CA ARG A 181 -20.30 4.34 -1.34
C ARG A 181 -21.23 4.97 -0.29
N LEU A 182 -20.98 6.23 0.04
CA LEU A 182 -21.82 6.91 1.02
C LEU A 182 -22.71 7.89 0.28
N GLN A 183 -23.82 8.32 0.90
CA GLN A 183 -24.68 9.32 0.30
C GLN A 183 -24.52 10.64 1.01
N MET A 184 -24.62 11.74 0.27
CA MET A 184 -24.65 13.06 0.90
C MET A 184 -25.93 13.86 0.63
N PHE A 185 -26.22 14.75 1.56
CA PHE A 185 -27.44 15.54 1.58
C PHE A 185 -27.12 16.92 2.18
N ASP A 186 -27.89 17.94 1.84
CA ASP A 186 -27.84 19.21 2.58
C ASP A 186 -28.25 19.09 4.03
N ASP A 187 -27.56 19.84 4.89
CA ASP A 187 -27.85 19.89 6.32
C ASP A 187 -28.83 21.05 6.57
N PRO A 188 -30.09 20.72 6.91
CA PRO A 188 -31.15 21.72 7.13
C PRO A 188 -30.78 22.86 8.11
N ARG A 189 -29.91 22.59 9.08
CA ARG A 189 -29.50 23.59 10.06
C ARG A 189 -28.28 24.46 9.65
N ASN A 190 -27.23 23.81 9.14
CA ASN A 190 -25.98 24.48 8.74
C ASN A 190 -25.99 24.87 7.24
N LYS A 191 -25.96 26.17 6.95
CA LYS A 191 -26.21 26.72 5.59
C LYS A 191 -25.22 26.34 4.49
N ARG A 192 -23.93 26.54 4.74
CA ARG A 192 -22.92 26.02 3.81
C ARG A 192 -22.43 24.61 4.23
N GLY A 193 -23.36 23.83 4.82
CA GLY A 193 -23.07 22.53 5.43
C GLY A 193 -23.76 21.34 4.78
N VAL A 194 -23.19 20.16 4.98
CA VAL A 194 -23.72 18.91 4.41
C VAL A 194 -23.76 17.79 5.46
N ILE A 195 -24.58 16.79 5.20
CA ILE A 195 -24.62 15.56 5.98
C ILE A 195 -24.15 14.39 5.12
N ILE A 196 -23.13 13.67 5.60
CA ILE A 196 -22.67 12.47 4.93
C ILE A 196 -23.13 11.21 5.68
N LYS A 197 -24.21 10.61 5.20
CA LYS A 197 -24.78 9.40 5.79
C LYS A 197 -23.79 8.25 5.79
N GLY A 198 -23.49 7.74 6.97
CA GLY A 198 -22.65 6.56 7.07
C GLY A 198 -21.19 6.81 7.36
N LEU A 199 -20.75 8.07 7.30
CA LEU A 199 -19.35 8.39 7.55
C LEU A 199 -19.04 8.15 9.02
N GLU A 200 -18.02 7.35 9.26
CA GLU A 200 -17.67 7.02 10.63
C GLU A 200 -16.72 8.05 11.21
N GLU A 201 -17.03 8.54 12.42
CA GLU A 201 -16.09 9.32 13.22
C GLU A 201 -15.54 8.38 14.30
N ILE A 202 -14.23 8.15 14.25
CA ILE A 202 -13.54 7.25 15.16
C ILE A 202 -12.97 8.07 16.32
N THR A 203 -13.28 7.64 17.54
CA THR A 203 -12.77 8.30 18.73
C THR A 203 -11.36 7.84 18.97
N VAL A 204 -10.46 8.80 19.15
CA VAL A 204 -9.06 8.50 19.40
C VAL A 204 -8.91 8.81 20.88
N HIS A 205 -8.81 7.75 21.69
CA HIS A 205 -8.93 7.96 23.15
C HIS A 205 -7.66 8.53 23.78
N ASN A 206 -6.53 8.24 23.15
CA ASN A 206 -5.23 8.67 23.62
C ASN A 206 -4.22 8.46 22.50
N LYS A 207 -3.05 9.06 22.66
CA LYS A 207 -1.98 8.98 21.68
C LYS A 207 -1.70 7.54 21.26
N ASP A 208 -1.81 6.60 22.19
CA ASP A 208 -1.50 5.20 21.85
C ASP A 208 -2.55 4.47 21.02
N GLU A 209 -3.63 5.15 20.70
CA GLU A 209 -4.62 4.62 19.74
C GLU A 209 -4.48 5.21 18.31
N VAL A 210 -3.61 6.20 18.15
CA VAL A 210 -3.44 6.95 16.88
C VAL A 210 -2.93 6.05 15.75
N TYR A 211 -1.84 5.36 15.99
CA TYR A 211 -1.18 4.66 14.88
C TYR A 211 -2.05 3.57 14.27
N GLN A 212 -2.66 2.75 15.11
CA GLN A 212 -3.48 1.63 14.64
C GLN A 212 -4.69 2.11 13.82
N ILE A 213 -5.26 3.26 14.21
CA ILE A 213 -6.35 3.88 13.44
C ILE A 213 -5.84 4.27 12.05
N LEU A 214 -4.67 4.90 12.02
CA LEU A 214 -4.04 5.24 10.71
C LEU A 214 -3.68 4.03 9.85
N GLU A 215 -3.24 2.94 10.51
CA GLU A 215 -2.91 1.70 9.85
C GLU A 215 -4.12 1.08 9.19
N LYS A 216 -5.28 1.22 9.83
CA LYS A 216 -6.50 0.69 9.22
C LYS A 216 -6.82 1.47 7.96
N GLY A 217 -6.64 2.78 8.02
CA GLY A 217 -6.74 3.63 6.82
C GLY A 217 -5.78 3.24 5.72
N ALA A 218 -4.51 3.03 6.09
CA ALA A 218 -3.47 2.56 5.16
C ALA A 218 -3.93 1.26 4.43
N ALA A 219 -4.52 0.34 5.18
CA ALA A 219 -4.96 -0.95 4.69
C ALA A 219 -6.11 -0.76 3.70
N LYS A 220 -7.06 0.10 4.06
CA LYS A 220 -8.24 0.34 3.22
C LYS A 220 -7.82 1.07 1.95
N ARG A 221 -6.79 1.91 2.06
CA ARG A 221 -6.19 2.63 0.88
C ARG A 221 -5.71 1.61 -0.15
N THR A 222 -5.07 0.55 0.33
CA THR A 222 -4.57 -0.53 -0.55
C THR A 222 -5.72 -1.19 -1.27
N THR A 223 -6.80 -1.48 -0.54
CA THR A 223 -7.93 -2.14 -1.22
C THR A 223 -8.56 -1.19 -2.23
N ALA A 224 -8.66 0.09 -1.90
CA ALA A 224 -9.22 1.09 -2.83
C ALA A 224 -8.39 1.17 -4.13
N ALA A 225 -7.08 1.06 -3.99
CA ALA A 225 -6.20 1.08 -5.17
C ALA A 225 -6.37 -0.15 -6.07
N THR A 226 -6.60 -1.30 -5.46
CA THR A 226 -6.88 -2.53 -6.23
C THR A 226 -8.18 -2.39 -7.03
N LEU A 227 -9.19 -1.81 -6.39
CA LEU A 227 -10.54 -1.72 -6.92
C LEU A 227 -10.76 -0.61 -7.93
N MET A 228 -10.02 0.49 -7.80
CA MET A 228 -10.31 1.71 -8.56
C MET A 228 -9.04 2.21 -9.26
N ASN A 229 -9.15 2.49 -10.54
CA ASN A 229 -7.97 2.76 -11.39
C ASN A 229 -7.27 4.06 -11.02
N ALA A 230 -5.95 4.00 -10.80
CA ALA A 230 -5.14 5.16 -10.48
C ALA A 230 -5.68 5.85 -9.20
N TYR A 231 -6.19 5.05 -8.27
CA TYR A 231 -6.88 5.65 -7.10
C TYR A 231 -6.05 6.73 -6.40
N SER A 232 -4.78 6.44 -6.08
CA SER A 232 -3.94 7.38 -5.29
C SER A 232 -3.75 8.77 -5.99
N SER A 233 -3.85 8.80 -7.31
CA SER A 233 -3.67 9.98 -8.15
C SER A 233 -4.98 10.72 -8.41
N ARG A 234 -6.07 9.97 -8.54
CA ARG A 234 -7.29 10.57 -9.02
C ARG A 234 -8.28 10.90 -7.88
N SER A 235 -8.12 10.23 -6.76
CA SER A 235 -8.97 10.47 -5.58
C SER A 235 -8.63 11.81 -4.89
N HIS A 236 -9.61 12.34 -4.13
CA HIS A 236 -9.38 13.46 -3.24
C HIS A 236 -9.65 12.93 -1.83
N SER A 237 -8.81 13.27 -0.85
CA SER A 237 -9.06 12.73 0.49
C SER A 237 -9.20 13.88 1.46
N VAL A 238 -10.18 13.75 2.36
CA VAL A 238 -10.40 14.77 3.40
C VAL A 238 -10.26 14.07 4.75
N PHE A 239 -9.17 14.32 5.45
CA PHE A 239 -8.95 13.77 6.78
C PHE A 239 -9.38 14.88 7.74
N SER A 240 -10.33 14.59 8.62
CA SER A 240 -10.88 15.65 9.48
C SER A 240 -10.60 15.25 10.91
N VAL A 241 -10.22 16.22 11.72
CA VAL A 241 -10.00 16.03 13.16
C VAL A 241 -10.83 17.07 13.87
N THR A 242 -11.69 16.60 14.77
CA THR A 242 -12.58 17.43 15.56
C THR A 242 -12.19 17.23 17.01
N ILE A 243 -12.00 18.34 17.70
CA ILE A 243 -11.63 18.29 19.11
C ILE A 243 -12.70 19.04 19.90
N HIS A 244 -13.34 18.33 20.83
CA HIS A 244 -14.27 18.91 21.82
C HIS A 244 -13.46 19.08 23.11
N MET A 245 -13.48 20.30 23.63
CA MET A 245 -12.63 20.68 24.78
C MET A 245 -13.49 21.36 25.85
N LYS A 246 -13.29 20.93 27.09
CA LYS A 246 -13.83 21.59 28.28
C LYS A 246 -12.58 21.99 29.05
N GLU A 247 -12.21 23.26 28.91
CA GLU A 247 -11.00 23.76 29.54
C GLU A 247 -11.44 24.44 30.83
N THR A 248 -10.82 24.06 31.96
CA THR A 248 -10.96 24.88 33.15
C THR A 248 -9.61 25.59 33.47
N THR A 249 -9.67 26.92 33.46
CA THR A 249 -8.52 27.80 33.68
C THR A 249 -7.94 27.64 35.11
N ILE A 250 -6.73 28.15 35.34
CA ILE A 250 -6.14 28.22 36.72
C ILE A 250 -7.12 28.86 37.71
N ASP A 251 -7.93 29.77 37.18
CA ASP A 251 -8.87 30.54 38.01
C ASP A 251 -10.23 29.84 38.18
N GLY A 252 -10.35 28.66 37.60
CA GLY A 252 -11.54 27.82 37.78
C GLY A 252 -12.68 28.06 36.81
N GLU A 253 -12.44 28.89 35.79
CA GLU A 253 -13.42 29.16 34.74
C GLU A 253 -13.45 28.00 33.74
N GLU A 254 -14.65 27.54 33.38
CA GLU A 254 -14.74 26.49 32.37
C GLU A 254 -15.25 26.97 31.01
N LEU A 255 -14.40 26.76 30.01
CA LEU A 255 -14.62 27.19 28.64
C LEU A 255 -14.83 25.94 27.79
N VAL A 256 -15.92 25.91 27.05
CA VAL A 256 -16.27 24.79 26.17
C VAL A 256 -16.02 25.26 24.74
N LYS A 257 -15.16 24.54 24.04
CA LYS A 257 -14.96 24.88 22.63
C LYS A 257 -14.84 23.64 21.75
N ILE A 258 -15.05 23.88 20.47
CA ILE A 258 -15.02 22.84 19.45
C ILE A 258 -14.12 23.37 18.32
N GLY A 259 -13.09 22.60 17.98
CA GLY A 259 -12.21 22.98 16.88
C GLY A 259 -12.22 21.86 15.85
N LYS A 260 -12.14 22.22 14.57
CA LYS A 260 -12.04 21.20 13.50
C LYS A 260 -10.94 21.55 12.50
N LEU A 261 -10.25 20.50 12.04
CA LEU A 261 -9.20 20.76 11.10
C LEU A 261 -9.41 19.74 9.96
N ASN A 262 -9.44 20.24 8.73
CA ASN A 262 -9.57 19.37 7.54
C ASN A 262 -8.25 19.38 6.80
N LEU A 263 -7.73 18.21 6.50
CA LEU A 263 -6.42 18.12 5.80
C LEU A 263 -6.77 17.41 4.52
N VAL A 264 -6.64 18.14 3.42
CA VAL A 264 -7.20 17.73 2.12
C VAL A 264 -6.03 17.43 1.16
N ASP A 265 -5.95 16.21 0.64
CA ASP A 265 -4.90 15.81 -0.32
C ASP A 265 -5.66 15.71 -1.64
N LEU A 266 -5.48 16.72 -2.51
CA LEU A 266 -6.28 16.85 -3.76
C LEU A 266 -5.77 15.86 -4.80
N ALA A 267 -6.65 15.47 -5.74
CA ALA A 267 -6.22 14.71 -6.91
C ALA A 267 -5.07 15.43 -7.63
N GLY A 268 -4.16 14.69 -8.24
CA GLY A 268 -3.08 15.36 -8.99
C GLY A 268 -3.60 16.31 -10.05
N SER A 269 -2.96 17.48 -10.15
CA SER A 269 -3.36 18.53 -11.07
C SER A 269 -2.92 18.33 -12.53
N GLU A 270 -2.07 17.34 -12.82
CA GLU A 270 -1.46 17.25 -14.18
C GLU A 270 -2.50 17.06 -15.27
N ASN A 271 -2.18 17.62 -16.45
CA ASN A 271 -2.93 17.38 -17.67
C ASN A 271 -2.61 15.99 -18.24
N ILE A 288 -13.32 14.69 -16.82
CA ILE A 288 -13.17 13.43 -16.12
C ILE A 288 -13.11 13.53 -14.58
N ASN A 289 -12.43 14.52 -14.01
CA ASN A 289 -12.44 14.71 -12.54
C ASN A 289 -13.37 15.90 -12.22
N GLN A 290 -14.66 15.64 -12.11
CA GLN A 290 -15.62 16.73 -11.86
C GLN A 290 -15.23 17.58 -10.62
N SER A 291 -14.79 16.95 -9.54
CA SER A 291 -14.44 17.75 -8.34
C SER A 291 -13.23 18.65 -8.55
N LEU A 292 -12.21 18.15 -9.24
CA LEU A 292 -11.03 18.98 -9.54
C LEU A 292 -11.39 20.15 -10.48
N LEU A 293 -12.16 19.85 -11.53
CA LEU A 293 -12.64 20.90 -12.43
C LEU A 293 -13.46 21.95 -11.67
N THR A 294 -14.37 21.50 -10.82
CA THR A 294 -15.25 22.43 -10.10
C THR A 294 -14.45 23.25 -9.09
N LEU A 295 -13.49 22.61 -8.40
CA LEU A 295 -12.60 23.40 -7.52
C LEU A 295 -11.97 24.59 -8.28
N GLY A 296 -11.37 24.35 -9.44
CA GLY A 296 -10.80 25.44 -10.26
C GLY A 296 -11.81 26.54 -10.60
N ARG A 297 -13.01 26.10 -10.98
CA ARG A 297 -14.03 27.05 -11.39
C ARG A 297 -14.55 27.85 -10.20
N VAL A 298 -14.65 27.18 -9.05
CA VAL A 298 -15.00 27.85 -7.77
C VAL A 298 -13.95 28.90 -7.41
N ILE A 299 -12.66 28.54 -7.45
CA ILE A 299 -11.59 29.52 -7.19
C ILE A 299 -11.66 30.72 -8.15
N THR A 300 -11.88 30.45 -9.43
CA THR A 300 -12.03 31.53 -10.45
C THR A 300 -13.17 32.50 -10.09
N ALA A 301 -14.35 31.96 -9.77
CA ALA A 301 -15.49 32.79 -9.38
C ALA A 301 -15.19 33.61 -8.12
N LEU A 302 -14.52 32.99 -7.16
CA LEU A 302 -14.14 33.69 -5.95
C LEU A 302 -13.15 34.82 -6.17
N VAL A 303 -12.17 34.62 -7.07
CA VAL A 303 -11.16 35.65 -7.34
C VAL A 303 -11.73 36.80 -8.22
N GLU A 304 -12.56 36.45 -9.21
CA GLU A 304 -13.20 37.41 -10.10
C GLU A 304 -14.46 38.04 -9.47
N ARG A 305 -14.80 37.56 -8.28
CA ARG A 305 -16.04 37.85 -7.54
C ARG A 305 -17.34 37.81 -8.35
N THR A 306 -17.44 36.78 -9.19
CA THR A 306 -18.67 36.45 -9.91
C THR A 306 -19.76 36.16 -8.86
N PRO A 307 -20.97 36.74 -9.04
CA PRO A 307 -22.00 36.53 -8.02
C PRO A 307 -22.33 35.06 -7.80
N HIS A 308 -22.36 34.28 -8.88
CA HIS A 308 -22.60 32.86 -8.72
C HIS A 308 -21.27 32.11 -8.55
N VAL A 309 -21.18 31.35 -7.47
CA VAL A 309 -20.01 30.51 -7.24
C VAL A 309 -20.46 29.05 -7.32
N PRO A 310 -19.91 28.27 -8.28
CA PRO A 310 -20.50 26.94 -8.50
C PRO A 310 -20.21 25.77 -7.50
N TYR A 311 -20.34 26.00 -6.19
CA TYR A 311 -20.13 24.96 -5.17
C TYR A 311 -20.88 23.67 -5.44
N ARG A 312 -22.17 23.79 -5.81
CA ARG A 312 -22.98 22.59 -5.90
C ARG A 312 -22.63 21.69 -7.10
N GLU A 313 -21.75 22.15 -8.00
CA GLU A 313 -21.38 21.34 -9.17
C GLU A 313 -20.43 20.17 -8.90
N SER A 314 -19.97 19.99 -7.65
CA SER A 314 -19.23 18.78 -7.31
C SER A 314 -19.32 18.45 -5.87
N LYS A 315 -19.08 17.18 -5.55
CA LYS A 315 -19.06 16.70 -4.17
C LYS A 315 -17.99 17.41 -3.36
N LEU A 316 -16.77 17.53 -3.91
CA LEU A 316 -15.66 18.14 -3.15
C LEU A 316 -15.99 19.57 -2.66
N THR A 317 -16.52 20.36 -3.57
CA THR A 317 -16.80 21.78 -3.31
C THR A 317 -18.07 21.95 -2.47
N ARG A 318 -19.00 20.98 -2.49
CA ARG A 318 -20.12 21.03 -1.54
C ARG A 318 -19.61 20.68 -0.14
N ILE A 319 -18.77 19.64 -0.04
CA ILE A 319 -18.23 19.21 1.26
C ILE A 319 -17.37 20.33 1.89
N LEU A 320 -16.62 21.03 1.05
CA LEU A 320 -15.64 22.02 1.54
C LEU A 320 -16.05 23.46 1.32
N GLN A 321 -17.34 23.70 1.11
CA GLN A 321 -17.83 25.00 0.74
C GLN A 321 -17.40 26.06 1.78
N ASP A 322 -17.43 25.70 3.06
CA ASP A 322 -17.03 26.69 4.11
C ASP A 322 -15.54 27.05 4.09
N SER A 323 -14.74 26.17 3.50
CA SER A 323 -13.32 26.42 3.34
C SER A 323 -12.96 27.25 2.13
N LEU A 324 -13.94 27.61 1.29
CA LEU A 324 -13.68 28.30 0.06
C LEU A 324 -14.52 29.58 -0.02
N GLY A 325 -13.99 30.67 0.56
CA GLY A 325 -14.76 31.92 0.75
C GLY A 325 -15.79 31.83 1.88
N GLY A 326 -15.56 30.98 2.87
CA GLY A 326 -16.50 30.85 4.01
C GLY A 326 -15.86 31.33 5.30
N ARG A 327 -16.27 30.77 6.43
CA ARG A 327 -15.74 31.23 7.71
C ARG A 327 -14.55 30.39 8.22
N THR A 328 -14.03 29.50 7.38
CA THR A 328 -12.95 28.62 7.82
C THR A 328 -11.65 29.30 7.45
N ARG A 329 -10.62 29.18 8.29
CA ARG A 329 -9.32 29.71 7.94
C ARG A 329 -8.66 28.69 7.01
N THR A 330 -8.33 29.08 5.79
CA THR A 330 -7.86 28.12 4.77
C THR A 330 -6.45 28.42 4.31
N SER A 331 -5.64 27.38 4.13
CA SER A 331 -4.32 27.51 3.56
C SER A 331 -4.15 26.46 2.45
N ILE A 332 -3.32 26.80 1.47
CA ILE A 332 -3.02 25.85 0.41
C ILE A 332 -1.51 25.66 0.37
N ILE A 333 -1.08 24.39 0.35
CA ILE A 333 0.34 24.10 0.09
C ILE A 333 0.46 23.58 -1.34
N ALA A 334 1.06 24.37 -2.22
CA ALA A 334 1.26 23.97 -3.61
C ALA A 334 2.63 23.29 -3.73
N THR A 335 2.61 22.04 -4.17
CA THR A 335 3.85 21.26 -4.32
C THR A 335 4.33 21.31 -5.77
N ILE A 336 5.66 21.46 -5.90
CA ILE A 336 6.28 21.62 -7.19
C ILE A 336 7.56 20.76 -7.27
N SER A 337 8.04 20.59 -8.50
CA SER A 337 9.23 19.82 -8.82
C SER A 337 10.39 20.79 -9.24
N PRO A 338 11.62 20.44 -8.84
CA PRO A 338 12.82 21.16 -9.33
C PRO A 338 13.24 20.73 -10.75
N ALA A 339 12.62 19.68 -11.32
CA ALA A 339 13.09 19.08 -12.57
C ALA A 339 12.56 19.76 -13.84
N SER A 340 13.45 19.99 -14.81
CA SER A 340 13.09 20.67 -16.04
C SER A 340 12.00 19.90 -16.76
N LEU A 341 12.00 18.57 -16.60
CA LEU A 341 11.00 17.70 -17.22
C LEU A 341 9.60 18.22 -16.88
N ASN A 342 9.46 18.76 -15.67
CA ASN A 342 8.14 19.15 -15.12
C ASN A 342 7.85 20.65 -15.25
N LEU A 343 8.64 21.38 -16.05
CA LEU A 343 8.46 22.82 -16.22
C LEU A 343 7.01 23.26 -16.45
N GLU A 344 6.34 22.68 -17.42
CA GLU A 344 5.01 23.16 -17.77
C GLU A 344 4.03 22.97 -16.63
N GLU A 345 4.07 21.79 -16.01
CA GLU A 345 3.16 21.53 -14.88
C GLU A 345 3.51 22.37 -13.65
N THR A 346 4.81 22.63 -13.49
CA THR A 346 5.25 23.50 -12.41
C THR A 346 4.68 24.91 -12.59
N LEU A 347 4.83 25.47 -13.81
CA LEU A 347 4.24 26.78 -14.12
C LEU A 347 2.74 26.77 -13.89
N SER A 348 2.08 25.68 -14.32
CA SER A 348 0.62 25.59 -14.20
C SER A 348 0.24 25.65 -12.69
N THR A 349 0.93 24.86 -11.87
CA THR A 349 0.70 24.89 -10.42
C THR A 349 0.92 26.27 -9.80
N LEU A 350 2.07 26.87 -10.10
CA LEU A 350 2.34 28.24 -9.57
C LEU A 350 1.27 29.28 -9.95
N GLU A 351 0.87 29.32 -11.21
CA GLU A 351 -0.19 30.22 -11.67
C GLU A 351 -1.52 29.98 -10.93
N TYR A 352 -1.90 28.70 -10.83
CA TYR A 352 -3.10 28.30 -10.10
C TYR A 352 -3.08 28.78 -8.66
N ALA A 353 -2.00 28.41 -7.96
CA ALA A 353 -1.84 28.77 -6.58
C ALA A 353 -1.80 30.29 -6.37
N HIS A 354 -1.12 31.00 -7.25
CA HIS A 354 -0.96 32.43 -7.12
C HIS A 354 -2.31 33.16 -7.24
N ARG A 355 -3.17 32.71 -8.14
CA ARG A 355 -4.56 33.20 -8.24
C ARG A 355 -5.27 33.05 -6.90
N ALA A 356 -5.10 31.88 -6.26
CA ALA A 356 -5.85 31.56 -5.05
C ALA A 356 -5.61 32.52 -3.90
N LYS A 357 -4.48 33.21 -3.92
CA LYS A 357 -4.13 34.21 -2.89
C LYS A 357 -5.19 35.28 -2.64
N ASN A 358 -5.95 35.60 -3.70
CA ASN A 358 -6.97 36.65 -3.68
C ASN A 358 -8.34 36.27 -3.08
N ILE A 359 -8.48 35.02 -2.65
CA ILE A 359 -9.74 34.55 -2.07
C ILE A 359 -9.87 35.04 -0.62
N LEU A 360 -10.95 35.76 -0.32
CA LEU A 360 -11.26 36.21 1.06
C LEU A 360 -12.21 35.29 1.85
N ASN A 361 -11.73 34.78 2.99
CA ASN A 361 -12.55 33.99 3.93
C ASN A 361 -12.85 34.84 5.16
N LYS A 362 -13.74 34.36 6.04
CA LYS A 362 -14.06 35.07 7.30
C LYS A 362 -13.94 34.18 8.53
N GLY B 16 8.03 -40.96 -9.78
CA GLY B 16 6.85 -40.08 -9.54
C GLY B 16 6.61 -39.70 -8.08
N LYS B 17 7.26 -38.61 -7.64
CA LYS B 17 7.03 -38.06 -6.29
C LYS B 17 5.98 -36.94 -6.36
N ASN B 18 4.82 -37.18 -5.75
CA ASN B 18 3.71 -36.22 -5.82
C ASN B 18 4.04 -34.85 -5.20
N ILE B 19 3.66 -33.81 -5.92
CA ILE B 19 3.51 -32.44 -5.44
C ILE B 19 2.80 -32.46 -4.07
N GLN B 20 3.25 -31.64 -3.12
CA GLN B 20 2.53 -31.48 -1.86
C GLN B 20 1.43 -30.45 -2.05
N VAL B 21 0.21 -30.75 -1.59
CA VAL B 21 -0.87 -29.79 -1.67
C VAL B 21 -1.47 -29.71 -0.27
N VAL B 22 -1.55 -28.49 0.25
CA VAL B 22 -2.19 -28.19 1.52
C VAL B 22 -3.26 -27.11 1.37
N VAL B 23 -4.18 -27.10 2.33
CA VAL B 23 -5.26 -26.15 2.38
C VAL B 23 -5.14 -25.25 3.61
N ARG B 24 -5.36 -23.95 3.43
CA ARG B 24 -5.47 -23.01 4.54
C ARG B 24 -6.74 -22.17 4.41
N CYS B 25 -7.60 -22.27 5.42
CA CYS B 25 -8.79 -21.44 5.54
C CYS B 25 -8.48 -20.17 6.34
N ARG B 26 -8.92 -19.03 5.83
CA ARG B 26 -8.78 -17.74 6.53
C ARG B 26 -9.83 -17.65 7.63
N PRO B 27 -9.56 -16.84 8.68
CA PRO B 27 -10.58 -16.58 9.69
C PRO B 27 -11.56 -15.46 9.25
N PHE B 28 -12.70 -15.37 9.94
CA PHE B 28 -13.64 -14.26 9.71
C PHE B 28 -13.03 -12.90 10.04
N ASN B 29 -13.38 -11.88 9.26
CA ASN B 29 -12.99 -10.51 9.56
C ASN B 29 -14.01 -9.88 10.56
N LEU B 30 -13.73 -8.66 11.01
CA LEU B 30 -14.59 -7.92 11.95
C LEU B 30 -16.06 -7.83 11.51
N ALA B 31 -16.28 -7.52 10.24
CA ALA B 31 -17.63 -7.38 9.66
C ALA B 31 -18.44 -8.69 9.68
N GLU B 32 -17.78 -9.79 9.33
CA GLU B 32 -18.40 -11.12 9.38
C GLU B 32 -18.66 -11.55 10.84
N ARG B 33 -17.86 -11.04 11.76
CA ARG B 33 -18.03 -11.31 13.19
C ARG B 33 -19.28 -10.60 13.71
N LYS B 34 -19.44 -9.34 13.36
CA LYS B 34 -20.56 -8.53 13.84
C LYS B 34 -21.87 -8.83 13.11
N ALA B 35 -21.77 -9.66 12.07
CA ALA B 35 -22.93 -10.18 11.36
C ALA B 35 -23.21 -11.61 11.82
N SER B 36 -22.44 -12.06 12.80
CA SER B 36 -22.54 -13.40 13.37
C SER B 36 -22.51 -14.47 12.28
N ALA B 37 -21.39 -14.58 11.58
CA ALA B 37 -21.28 -15.55 10.47
C ALA B 37 -20.92 -16.96 10.95
N HIS B 38 -21.56 -17.94 10.34
CA HIS B 38 -21.29 -19.36 10.54
C HIS B 38 -20.36 -19.86 9.42
N SER B 39 -19.26 -20.50 9.80
CA SER B 39 -18.37 -21.14 8.83
C SER B 39 -19.04 -22.32 8.12
N ILE B 40 -18.90 -22.38 6.80
CA ILE B 40 -19.29 -23.55 6.03
C ILE B 40 -18.13 -24.54 5.83
N VAL B 41 -17.00 -24.21 6.45
CA VAL B 41 -15.75 -24.95 6.35
C VAL B 41 -15.34 -25.53 7.71
N GLU B 42 -15.19 -26.85 7.76
CA GLU B 42 -14.58 -27.57 8.89
C GLU B 42 -13.32 -28.24 8.39
N CYS B 43 -12.20 -27.93 9.02
CA CYS B 43 -10.93 -28.62 8.76
C CYS B 43 -10.59 -29.54 9.91
N ASP B 44 -10.24 -30.78 9.59
CA ASP B 44 -9.77 -31.73 10.59
C ASP B 44 -8.30 -32.06 10.31
N PRO B 45 -7.37 -31.56 11.14
CA PRO B 45 -5.93 -31.61 10.83
C PRO B 45 -5.34 -33.01 10.95
N VAL B 46 -5.90 -33.80 11.85
CA VAL B 46 -5.40 -35.13 12.11
C VAL B 46 -5.88 -36.11 11.03
N ARG B 47 -7.14 -35.99 10.60
CA ARG B 47 -7.63 -36.69 9.41
C ARG B 47 -7.18 -36.01 8.10
N LYS B 48 -6.62 -34.81 8.22
CA LYS B 48 -6.11 -34.04 7.06
C LYS B 48 -7.22 -33.80 6.04
N GLU B 49 -8.36 -33.35 6.56
CA GLU B 49 -9.58 -33.27 5.79
C GLU B 49 -10.17 -31.86 5.86
N VAL B 50 -10.72 -31.43 4.75
CA VAL B 50 -11.52 -30.22 4.71
C VAL B 50 -12.93 -30.59 4.25
N SER B 51 -13.91 -30.18 5.03
CA SER B 51 -15.30 -30.49 4.73
C SER B 51 -16.14 -29.23 4.59
N VAL B 52 -16.78 -29.13 3.43
CA VAL B 52 -17.53 -27.93 3.09
C VAL B 52 -19.04 -28.23 2.98
N ARG B 53 -19.82 -27.46 3.74
CA ARG B 53 -21.29 -27.54 3.68
C ARG B 53 -21.80 -26.87 2.41
N THR B 54 -22.46 -27.65 1.55
CA THR B 54 -22.85 -27.19 0.20
C THR B 54 -24.34 -26.84 0.05
N GLY B 55 -25.10 -27.08 1.12
CA GLY B 55 -26.53 -26.85 1.13
C GLY B 55 -27.21 -27.50 2.33
N GLY B 56 -28.54 -27.44 2.34
CA GLY B 56 -29.34 -27.97 3.44
C GLY B 56 -29.30 -27.06 4.65
N LEU B 57 -29.73 -27.57 5.80
CA LEU B 57 -29.94 -26.77 7.00
C LEU B 57 -29.13 -27.24 8.22
N ALA B 58 -29.65 -26.94 9.42
CA ALA B 58 -29.01 -27.34 10.67
C ALA B 58 -29.07 -28.87 10.85
N ASP B 59 -30.29 -29.41 10.87
CA ASP B 59 -30.48 -30.83 11.19
C ASP B 59 -30.36 -31.80 10.00
N LYS B 60 -30.06 -31.27 8.82
CA LYS B 60 -29.95 -32.07 7.59
C LYS B 60 -29.18 -31.28 6.54
N SER B 61 -28.12 -31.87 6.00
CA SER B 61 -27.20 -31.12 5.15
C SER B 61 -26.48 -31.97 4.10
N SER B 62 -26.00 -31.29 3.06
CA SER B 62 -25.06 -31.85 2.11
C SER B 62 -23.67 -31.28 2.43
N ARG B 63 -22.65 -32.12 2.24
CA ARG B 63 -21.26 -31.67 2.41
C ARG B 63 -20.37 -32.26 1.30
N LYS B 64 -19.21 -31.64 1.10
CA LYS B 64 -18.16 -32.18 0.24
C LYS B 64 -16.88 -32.24 1.07
N THR B 65 -16.23 -33.40 1.12
CA THR B 65 -15.01 -33.59 1.91
C THR B 65 -13.83 -33.94 1.03
N TYR B 66 -12.68 -33.37 1.39
CA TYR B 66 -11.44 -33.52 0.65
C TYR B 66 -10.30 -33.86 1.56
N THR B 67 -9.42 -34.72 1.08
CA THR B 67 -8.22 -35.08 1.79
C THR B 67 -7.01 -34.42 1.11
N PHE B 68 -6.17 -33.77 1.91
CA PHE B 68 -4.94 -33.17 1.41
C PHE B 68 -3.75 -33.61 2.26
N ASP B 69 -2.56 -33.17 1.87
CA ASP B 69 -1.36 -33.49 2.60
C ASP B 69 -1.33 -32.89 3.99
N MET B 70 -1.83 -31.66 4.12
CA MET B 70 -2.07 -30.99 5.41
C MET B 70 -3.23 -30.03 5.24
N VAL B 71 -3.95 -29.77 6.32
CA VAL B 71 -5.04 -28.80 6.35
C VAL B 71 -4.84 -27.86 7.53
N PHE B 72 -5.04 -26.57 7.28
CA PHE B 72 -4.86 -25.53 8.27
C PHE B 72 -6.15 -24.73 8.41
N GLY B 73 -6.82 -24.95 9.55
CA GLY B 73 -8.08 -24.25 9.83
C GLY B 73 -7.94 -22.77 10.11
N ALA B 74 -9.08 -22.10 10.21
CA ALA B 74 -9.13 -20.64 10.33
C ALA B 74 -8.28 -20.05 11.46
N SER B 75 -8.01 -20.86 12.49
CA SER B 75 -7.25 -20.40 13.67
C SER B 75 -5.73 -20.61 13.58
N THR B 76 -5.26 -21.24 12.50
CA THR B 76 -3.84 -21.52 12.32
C THR B 76 -3.01 -20.22 12.27
N LYS B 77 -1.94 -20.21 13.05
CA LYS B 77 -1.06 -19.05 13.10
C LYS B 77 0.05 -19.17 12.05
N GLN B 78 0.61 -18.02 11.66
CA GLN B 78 1.72 -17.99 10.69
C GLN B 78 2.86 -18.95 11.07
N ILE B 79 3.26 -18.96 12.33
CA ILE B 79 4.35 -19.86 12.76
C ILE B 79 4.05 -21.35 12.50
N ASP B 80 2.78 -21.76 12.72
CA ASP B 80 2.32 -23.13 12.47
C ASP B 80 2.49 -23.50 10.99
N VAL B 81 2.11 -22.59 10.09
CA VAL B 81 2.27 -22.84 8.66
C VAL B 81 3.76 -22.92 8.32
N TYR B 82 4.55 -22.02 8.89
CA TYR B 82 5.97 -22.01 8.56
C TYR B 82 6.64 -23.31 9.03
N ARG B 83 6.43 -23.66 10.30
CA ARG B 83 7.02 -24.89 10.86
C ARG B 83 6.59 -26.16 10.12
N SER B 84 5.31 -26.28 9.80
CA SER B 84 4.79 -27.50 9.17
C SER B 84 5.12 -27.59 7.70
N VAL B 85 4.99 -26.48 6.97
CA VAL B 85 5.26 -26.61 5.54
C VAL B 85 6.61 -26.07 5.08
N VAL B 86 7.03 -24.94 5.59
CA VAL B 86 8.22 -24.31 5.04
C VAL B 86 9.52 -24.84 5.63
N CYS B 87 9.52 -25.12 6.93
CA CYS B 87 10.79 -25.59 7.56
C CYS B 87 11.42 -26.80 6.81
N PRO B 88 10.63 -27.86 6.52
CA PRO B 88 11.15 -28.98 5.71
C PRO B 88 11.68 -28.60 4.32
N ILE B 89 10.94 -27.73 3.63
CA ILE B 89 11.35 -27.25 2.30
C ILE B 89 12.65 -26.43 2.35
N LEU B 90 12.78 -25.52 3.32
CA LEU B 90 14.04 -24.79 3.46
C LEU B 90 15.22 -25.75 3.73
N ASP B 91 14.98 -26.79 4.52
CA ASP B 91 16.01 -27.82 4.70
C ASP B 91 16.40 -28.46 3.37
N GLU B 92 15.43 -28.69 2.50
CA GLU B 92 15.71 -29.28 1.18
C GLU B 92 16.49 -28.32 0.31
N VAL B 93 16.12 -27.04 0.41
CA VAL B 93 16.84 -26.03 -0.34
C VAL B 93 18.33 -26.01 0.11
N ILE B 94 18.53 -26.00 1.43
CA ILE B 94 19.90 -25.95 1.98
C ILE B 94 20.73 -27.20 1.55
N MET B 95 20.04 -28.31 1.29
CA MET B 95 20.70 -29.51 0.75
C MET B 95 21.02 -29.42 -0.75
N GLY B 96 20.64 -28.31 -1.38
CA GLY B 96 20.96 -28.10 -2.79
C GLY B 96 19.89 -28.47 -3.78
N TYR B 97 18.65 -28.60 -3.32
CA TYR B 97 17.53 -28.83 -4.24
C TYR B 97 16.87 -27.47 -4.58
N ASN B 98 16.10 -27.43 -5.66
CA ASN B 98 15.25 -26.28 -5.92
C ASN B 98 13.86 -26.65 -5.44
N CYS B 99 13.17 -25.68 -4.86
CA CYS B 99 11.84 -25.88 -4.33
C CYS B 99 10.99 -24.68 -4.74
N THR B 100 9.70 -24.93 -4.90
CA THR B 100 8.75 -23.85 -5.20
C THR B 100 7.54 -24.01 -4.32
N ILE B 101 7.06 -22.91 -3.76
CA ILE B 101 5.77 -22.92 -3.10
C ILE B 101 4.83 -21.95 -3.84
N PHE B 102 3.69 -22.45 -4.29
CA PHE B 102 2.64 -21.59 -4.90
C PHE B 102 1.56 -21.30 -3.87
N ALA B 103 1.04 -20.09 -3.86
CA ALA B 103 -0.23 -19.81 -3.19
C ALA B 103 -1.31 -19.62 -4.25
N TYR B 104 -2.44 -20.31 -4.08
CA TYR B 104 -3.51 -20.36 -5.07
C TYR B 104 -4.86 -20.24 -4.38
N GLY B 105 -5.75 -19.42 -4.93
CA GLY B 105 -7.07 -19.25 -4.37
C GLY B 105 -7.65 -17.90 -4.75
N GLN B 106 -8.92 -17.68 -4.40
CA GLN B 106 -9.58 -16.45 -4.80
C GLN B 106 -9.04 -15.26 -4.04
N THR B 107 -9.12 -14.10 -4.66
CA THR B 107 -8.75 -12.82 -4.04
C THR B 107 -9.54 -12.72 -2.73
N GLY B 108 -8.83 -12.40 -1.65
CA GLY B 108 -9.48 -12.21 -0.36
C GLY B 108 -9.37 -13.41 0.58
N THR B 109 -8.63 -14.45 0.22
CA THR B 109 -8.60 -15.68 1.04
C THR B 109 -7.27 -15.89 1.74
N GLY B 110 -6.27 -15.05 1.45
CA GLY B 110 -5.02 -15.01 2.24
C GLY B 110 -3.74 -15.48 1.57
N LYS B 111 -3.64 -15.37 0.25
CA LYS B 111 -2.43 -15.72 -0.44
C LYS B 111 -1.31 -14.78 -0.02
N THR B 112 -1.55 -13.47 -0.06
CA THR B 112 -0.48 -12.51 0.30
C THR B 112 -0.18 -12.58 1.81
N PHE B 113 -1.24 -12.76 2.58
CA PHE B 113 -1.09 -12.94 4.03
C PHE B 113 -0.17 -14.10 4.33
N THR B 114 -0.43 -15.23 3.68
CA THR B 114 0.40 -16.43 3.82
C THR B 114 1.82 -16.22 3.34
N MET B 115 2.00 -15.63 2.16
CA MET B 115 3.32 -15.57 1.54
C MET B 115 4.21 -14.45 2.09
N GLU B 116 3.60 -13.36 2.53
CA GLU B 116 4.33 -12.16 2.95
C GLU B 116 3.98 -11.84 4.40
N GLY B 117 2.69 -11.80 4.70
CA GLY B 117 2.19 -11.46 6.06
C GLY B 117 1.91 -9.98 6.19
N GLU B 118 1.72 -9.53 7.41
CA GLU B 118 1.39 -8.13 7.67
C GLU B 118 2.08 -7.71 8.96
N ARG B 119 2.02 -6.43 9.28
CA ARG B 119 2.58 -5.99 10.58
C ARG B 119 1.50 -6.03 11.66
N SER B 120 1.89 -6.51 12.87
CA SER B 120 0.96 -6.37 13.99
C SER B 120 0.78 -4.87 14.22
N PRO B 121 -0.45 -4.43 14.54
CA PRO B 121 -0.67 -2.98 14.69
C PRO B 121 0.13 -2.29 15.81
N ASN B 122 0.26 -0.97 15.66
CA ASN B 122 0.78 -0.08 16.69
C ASN B 122 2.23 -0.36 17.06
N GLU B 123 3.00 -0.79 16.07
CA GLU B 123 4.44 -1.07 16.22
C GLU B 123 4.73 -1.92 17.47
N GLU B 124 3.89 -2.94 17.70
CA GLU B 124 4.08 -3.84 18.81
C GLU B 124 5.35 -4.70 18.73
N TYR B 125 5.74 -5.12 17.53
CA TYR B 125 6.88 -6.04 17.37
C TYR B 125 7.88 -5.52 16.37
N THR B 126 9.15 -5.92 16.51
CA THR B 126 10.09 -5.73 15.41
C THR B 126 9.75 -6.77 14.34
N TRP B 127 10.28 -6.61 13.13
CA TRP B 127 9.82 -7.48 12.04
C TRP B 127 10.16 -8.95 12.28
N GLU B 128 11.31 -9.18 12.91
CA GLU B 128 11.86 -10.53 13.14
C GLU B 128 10.98 -11.35 14.07
N GLU B 129 10.28 -10.66 14.98
CA GLU B 129 9.45 -11.32 16.00
C GLU B 129 7.96 -11.17 15.78
N ASP B 130 7.57 -10.53 14.68
CA ASP B 130 6.15 -10.26 14.47
C ASP B 130 5.40 -11.56 14.21
N PRO B 131 4.42 -11.90 15.06
CA PRO B 131 3.72 -13.14 14.80
C PRO B 131 2.93 -13.15 13.48
N LEU B 132 2.70 -11.98 12.86
CA LEU B 132 1.92 -11.92 11.62
C LEU B 132 2.83 -12.02 10.39
N ALA B 133 4.15 -12.10 10.60
CA ALA B 133 5.08 -12.34 9.47
C ALA B 133 4.73 -13.62 8.69
N GLY B 134 4.84 -13.57 7.36
CA GLY B 134 4.59 -14.77 6.56
C GLY B 134 5.84 -15.48 6.07
N ILE B 135 5.68 -16.23 4.99
CA ILE B 135 6.74 -17.15 4.54
C ILE B 135 8.03 -16.43 4.15
N ILE B 136 7.94 -15.43 3.28
CA ILE B 136 9.16 -14.71 2.82
C ILE B 136 10.01 -14.15 3.97
N PRO B 137 9.44 -13.31 4.87
CA PRO B 137 10.32 -12.78 5.93
C PRO B 137 10.89 -13.87 6.85
N ARG B 138 10.06 -14.85 7.24
CA ARG B 138 10.50 -15.97 8.09
C ARG B 138 11.62 -16.77 7.45
N THR B 139 11.49 -17.02 6.14
CA THR B 139 12.51 -17.77 5.39
C THR B 139 13.86 -17.05 5.35
N LEU B 140 13.83 -15.75 5.10
CA LEU B 140 15.07 -15.00 5.01
C LEU B 140 15.76 -14.96 6.36
N HIS B 141 15.01 -14.69 7.40
CA HIS B 141 15.54 -14.73 8.77
C HIS B 141 16.19 -16.10 9.11
N GLN B 142 15.50 -17.20 8.78
CA GLN B 142 15.93 -18.55 9.18
C GLN B 142 17.14 -19.09 8.39
N ILE B 143 17.38 -18.58 7.20
CA ILE B 143 18.56 -19.06 6.43
C ILE B 143 19.83 -18.70 7.22
N PHE B 144 19.89 -17.46 7.69
CA PHE B 144 21.07 -17.00 8.40
C PHE B 144 21.24 -17.75 9.70
N GLU B 145 20.12 -18.08 10.33
CA GLU B 145 20.13 -18.81 11.60
C GLU B 145 20.63 -20.24 11.40
N LYS B 146 20.09 -20.92 10.38
CA LYS B 146 20.45 -22.31 10.11
C LYS B 146 21.92 -22.50 9.72
N LEU B 147 22.46 -21.48 9.05
CA LEU B 147 23.80 -21.53 8.50
C LEU B 147 24.79 -20.67 9.32
N THR B 148 24.42 -20.36 10.55
CA THR B 148 25.20 -19.40 11.31
C THR B 148 26.66 -19.84 11.63
N ASP B 149 26.87 -21.13 11.91
CA ASP B 149 28.22 -21.60 12.29
C ASP B 149 28.44 -23.11 12.09
N ASN B 150 27.78 -23.67 11.08
CA ASN B 150 27.87 -25.09 10.72
C ASN B 150 29.04 -25.47 9.77
N GLY B 151 29.82 -24.48 9.37
CA GLY B 151 30.93 -24.73 8.44
C GLY B 151 30.60 -24.55 6.98
N THR B 152 29.36 -24.22 6.70
CA THR B 152 28.97 -23.91 5.33
C THR B 152 28.99 -22.39 5.10
N GLU B 153 29.92 -21.94 4.25
CA GLU B 153 29.94 -20.56 3.79
C GLU B 153 28.83 -20.39 2.77
N PHE B 154 28.20 -19.24 2.75
CA PHE B 154 27.04 -19.09 1.85
C PHE B 154 26.79 -17.64 1.47
N SER B 155 26.08 -17.44 0.38
CA SER B 155 25.56 -16.13 0.06
C SER B 155 24.08 -16.29 -0.26
N VAL B 156 23.31 -15.23 0.01
CA VAL B 156 21.87 -15.20 -0.30
C VAL B 156 21.63 -14.06 -1.28
N LYS B 157 20.86 -14.36 -2.33
CA LYS B 157 20.43 -13.35 -3.31
C LYS B 157 18.95 -13.51 -3.55
N VAL B 158 18.27 -12.39 -3.69
CA VAL B 158 16.82 -12.38 -3.87
C VAL B 158 16.46 -11.60 -5.14
N SER B 159 15.37 -12.01 -5.78
CA SER B 159 14.77 -11.24 -6.88
C SER B 159 13.26 -11.29 -6.78
N LEU B 160 12.58 -10.32 -7.39
CA LEU B 160 11.13 -10.28 -7.35
C LEU B 160 10.62 -9.95 -8.74
N LEU B 161 10.21 -10.99 -9.45
CA LEU B 161 9.81 -10.87 -10.84
C LEU B 161 8.32 -11.02 -10.83
N GLU B 162 7.63 -10.08 -11.47
CA GLU B 162 6.18 -10.12 -11.49
C GLU B 162 5.63 -10.02 -12.91
N ILE B 163 4.47 -10.64 -13.11
CA ILE B 163 3.84 -10.80 -14.41
C ILE B 163 2.45 -10.20 -14.37
N TYR B 164 2.21 -9.26 -15.29
CA TYR B 164 0.92 -8.57 -15.37
C TYR B 164 0.61 -8.41 -16.83
N ASN B 165 -0.53 -8.92 -17.24
CA ASN B 165 -0.90 -8.91 -18.64
C ASN B 165 0.18 -9.45 -19.58
N GLU B 166 0.85 -10.50 -19.13
CA GLU B 166 1.95 -11.14 -19.87
C GLU B 166 3.18 -10.26 -20.10
N GLU B 167 3.30 -9.18 -19.32
CA GLU B 167 4.52 -8.39 -19.29
C GLU B 167 5.24 -8.63 -17.99
N LEU B 168 6.55 -8.43 -18.00
CA LEU B 168 7.39 -8.72 -16.85
C LEU B 168 7.91 -7.46 -16.21
N PHE B 169 7.87 -7.46 -14.87
CA PHE B 169 8.29 -6.33 -14.06
C PHE B 169 9.27 -6.74 -12.97
N ASP B 170 10.21 -5.87 -12.68
CA ASP B 170 11.16 -6.10 -11.60
C ASP B 170 10.74 -5.22 -10.42
N LEU B 171 10.37 -5.81 -9.29
CA LEU B 171 9.86 -5.03 -8.17
C LEU B 171 10.92 -4.71 -7.10
N LEU B 172 12.17 -5.07 -7.38
CA LEU B 172 13.26 -4.78 -6.44
C LEU B 172 14.39 -3.87 -6.97
N ASN B 173 14.47 -3.63 -8.27
CA ASN B 173 15.54 -2.82 -8.91
C ASN B 173 15.39 -1.33 -8.59
N PRO B 174 16.40 -0.71 -7.95
CA PRO B 174 16.25 0.68 -7.46
C PRO B 174 16.48 1.79 -8.51
N SER B 175 17.10 1.44 -9.63
CA SER B 175 17.35 2.40 -10.70
C SER B 175 16.09 2.61 -11.52
N SER B 176 15.60 1.52 -12.11
CA SER B 176 14.50 1.56 -13.03
C SER B 176 13.20 1.86 -12.29
N ASP B 177 12.30 2.56 -12.97
CA ASP B 177 10.90 2.62 -12.56
C ASP B 177 10.27 1.24 -12.81
N VAL B 178 9.23 0.93 -12.02
CA VAL B 178 8.50 -0.33 -12.18
C VAL B 178 7.93 -0.54 -13.57
N SER B 179 7.46 0.54 -14.21
CA SER B 179 6.79 0.46 -15.51
C SER B 179 7.65 -0.17 -16.61
N GLU B 180 8.94 -0.26 -16.36
CA GLU B 180 9.90 -0.79 -17.32
C GLU B 180 9.74 -2.30 -17.45
N ARG B 181 9.26 -2.73 -18.61
CA ARG B 181 9.13 -4.15 -18.96
C ARG B 181 10.49 -4.82 -19.08
N LEU B 182 10.54 -6.10 -18.69
CA LEU B 182 11.74 -6.89 -18.92
C LEU B 182 11.50 -7.79 -20.13
N GLN B 183 12.58 -8.31 -20.70
CA GLN B 183 12.46 -9.24 -21.81
C GLN B 183 12.97 -10.61 -21.39
N MET B 184 12.33 -11.64 -21.91
CA MET B 184 12.61 -13.02 -21.55
C MET B 184 13.15 -13.75 -22.78
N PHE B 185 14.13 -14.62 -22.52
CA PHE B 185 14.78 -15.41 -23.56
C PHE B 185 15.02 -16.82 -23.02
N ASP B 186 14.97 -17.80 -23.92
CA ASP B 186 15.48 -19.16 -23.63
C ASP B 186 16.96 -19.15 -23.25
N ASP B 187 17.32 -20.01 -22.31
CA ASP B 187 18.71 -20.15 -21.89
C ASP B 187 19.37 -21.21 -22.76
N PRO B 188 20.39 -20.79 -23.53
CA PRO B 188 21.09 -21.76 -24.39
C PRO B 188 21.80 -22.87 -23.58
N ARG B 189 22.18 -22.55 -22.34
CA ARG B 189 22.86 -23.49 -21.44
C ARG B 189 21.93 -24.47 -20.71
N ASN B 190 20.74 -23.99 -20.31
CA ASN B 190 19.70 -24.82 -19.66
C ASN B 190 18.43 -24.82 -20.50
N LYS B 191 18.12 -25.95 -21.14
CA LYS B 191 16.92 -26.02 -22.01
C LYS B 191 15.52 -26.10 -21.35
N ARG B 192 15.48 -26.27 -20.03
CA ARG B 192 14.24 -26.04 -19.28
C ARG B 192 14.20 -24.60 -18.73
N GLY B 193 15.28 -23.84 -18.98
CA GLY B 193 15.52 -22.53 -18.35
C GLY B 193 15.35 -21.29 -19.21
N VAL B 194 15.20 -20.15 -18.54
CA VAL B 194 15.13 -18.87 -19.21
C VAL B 194 16.13 -17.88 -18.62
N ILE B 195 16.40 -16.82 -19.38
CA ILE B 195 17.18 -15.70 -18.91
C ILE B 195 16.28 -14.48 -18.97
N ILE B 196 16.19 -13.77 -17.86
CA ILE B 196 15.40 -12.56 -17.87
C ILE B 196 16.30 -11.33 -17.83
N LYS B 197 16.43 -10.72 -19.01
CA LYS B 197 17.25 -9.53 -19.18
C LYS B 197 16.76 -8.40 -18.29
N GLY B 198 17.62 -7.94 -17.39
CA GLY B 198 17.35 -6.75 -16.57
C GLY B 198 16.98 -7.04 -15.11
N LEU B 199 16.64 -8.29 -14.81
CA LEU B 199 16.20 -8.66 -13.46
C LEU B 199 17.28 -8.50 -12.41
N GLU B 200 17.04 -7.64 -11.42
CA GLU B 200 18.01 -7.38 -10.36
C GLU B 200 18.07 -8.54 -9.36
N GLU B 201 19.28 -9.01 -9.05
CA GLU B 201 19.49 -9.92 -7.90
C GLU B 201 20.13 -9.09 -6.81
N ILE B 202 19.46 -9.04 -5.67
CA ILE B 202 19.97 -8.26 -4.54
C ILE B 202 20.62 -9.20 -3.54
N THR B 203 21.89 -8.93 -3.23
CA THR B 203 22.60 -9.73 -2.24
C THR B 203 22.11 -9.35 -0.86
N VAL B 204 21.70 -10.34 -0.08
CA VAL B 204 21.29 -10.07 1.30
C VAL B 204 22.44 -10.49 2.23
N HIS B 205 23.19 -9.51 2.75
CA HIS B 205 24.50 -9.83 3.39
C HIS B 205 24.37 -10.42 4.77
N ASN B 206 23.31 -10.03 5.48
CA ASN B 206 23.01 -10.54 6.81
C ASN B 206 21.55 -10.29 7.13
N LYS B 207 21.09 -10.89 8.22
CA LYS B 207 19.71 -10.74 8.68
C LYS B 207 19.28 -9.26 8.77
N ASP B 208 20.22 -8.39 9.16
CA ASP B 208 19.92 -6.97 9.37
C ASP B 208 19.76 -6.15 8.09
N GLU B 209 19.91 -6.78 6.92
CA GLU B 209 19.60 -6.13 5.63
C GLU B 209 18.24 -6.52 5.05
N VAL B 210 17.61 -7.55 5.63
CA VAL B 210 16.40 -8.13 5.05
C VAL B 210 15.30 -7.05 4.95
N TYR B 211 14.95 -6.40 6.06
CA TYR B 211 13.71 -5.61 6.10
C TYR B 211 13.70 -4.44 5.15
N GLN B 212 14.80 -3.70 5.08
CA GLN B 212 14.89 -2.57 4.16
C GLN B 212 14.82 -2.99 2.68
N ILE B 213 15.35 -4.17 2.35
CA ILE B 213 15.22 -4.70 0.99
C ILE B 213 13.74 -4.92 0.66
N LEU B 214 13.01 -5.54 1.59
CA LEU B 214 11.56 -5.79 1.42
C LEU B 214 10.71 -4.53 1.34
N GLU B 215 11.04 -3.53 2.17
CA GLU B 215 10.46 -2.16 2.08
C GLU B 215 10.54 -1.53 0.70
N LYS B 216 11.67 -1.68 0.01
CA LYS B 216 11.82 -1.17 -1.36
C LYS B 216 10.88 -1.85 -2.35
N GLY B 217 10.66 -3.15 -2.18
CA GLY B 217 9.66 -3.90 -2.93
C GLY B 217 8.24 -3.44 -2.60
N ALA B 218 7.94 -3.25 -1.31
CA ALA B 218 6.59 -2.74 -0.94
C ALA B 218 6.32 -1.37 -1.59
N ALA B 219 7.36 -0.53 -1.68
CA ALA B 219 7.19 0.80 -2.29
C ALA B 219 6.91 0.69 -3.79
N LYS B 220 7.56 -0.27 -4.42
CA LYS B 220 7.39 -0.49 -5.84
C LYS B 220 6.01 -1.09 -6.12
N ARG B 221 5.52 -1.91 -5.18
CA ARG B 221 4.19 -2.52 -5.28
C ARG B 221 3.12 -1.40 -5.31
N THR B 222 3.29 -0.38 -4.47
CA THR B 222 2.31 0.76 -4.47
C THR B 222 2.32 1.48 -5.79
N THR B 223 3.51 1.73 -6.34
CA THR B 223 3.48 2.36 -7.65
C THR B 223 2.88 1.53 -8.75
N ALA B 224 3.21 0.22 -8.80
CA ALA B 224 2.58 -0.69 -9.75
C ALA B 224 1.04 -0.66 -9.68
N ALA B 225 0.49 -0.59 -8.46
CA ALA B 225 -0.98 -0.53 -8.25
C ALA B 225 -1.59 0.77 -8.80
N THR B 226 -0.88 1.87 -8.63
CA THR B 226 -1.32 3.18 -9.16
C THR B 226 -1.36 3.10 -10.68
N LEU B 227 -0.34 2.50 -11.27
CA LEU B 227 -0.17 2.43 -12.73
C LEU B 227 -1.00 1.40 -13.47
N MET B 228 -1.27 0.27 -12.84
CA MET B 228 -1.90 -0.88 -13.48
C MET B 228 -3.18 -1.32 -12.77
N ASN B 229 -4.25 -1.51 -13.56
CA ASN B 229 -5.57 -1.74 -13.01
C ASN B 229 -5.61 -3.12 -12.28
N ALA B 230 -6.09 -3.09 -11.05
CA ALA B 230 -6.19 -4.27 -10.14
C ALA B 230 -4.89 -5.06 -10.11
N TYR B 231 -3.76 -4.35 -10.03
CA TYR B 231 -2.43 -5.01 -10.10
C TYR B 231 -2.33 -6.14 -9.07
N SER B 232 -2.71 -5.88 -7.82
CA SER B 232 -2.49 -6.85 -6.72
C SER B 232 -3.30 -8.16 -6.91
N SER B 233 -4.40 -8.09 -7.68
CA SER B 233 -5.27 -9.26 -7.88
C SER B 233 -4.94 -10.01 -9.16
N ARG B 234 -4.50 -9.27 -10.19
CA ARG B 234 -4.27 -9.86 -11.51
C ARG B 234 -2.82 -10.25 -11.76
N SER B 235 -1.88 -9.68 -11.00
CA SER B 235 -0.45 -9.96 -11.19
C SER B 235 -0.09 -11.32 -10.56
N HIS B 236 0.97 -11.95 -11.07
CA HIS B 236 1.59 -13.14 -10.44
C HIS B 236 2.95 -12.64 -9.96
N SER B 237 3.35 -12.99 -8.75
CA SER B 237 4.67 -12.58 -8.30
C SER B 237 5.53 -13.77 -7.96
N VAL B 238 6.80 -13.70 -8.39
CA VAL B 238 7.77 -14.75 -8.10
C VAL B 238 8.92 -14.17 -7.28
N PHE B 239 8.91 -14.45 -5.98
CA PHE B 239 9.99 -14.02 -5.07
C PHE B 239 10.98 -15.18 -4.97
N SER B 240 12.20 -14.97 -5.48
CA SER B 240 13.16 -16.07 -5.53
C SER B 240 14.25 -15.82 -4.52
N VAL B 241 14.69 -16.87 -3.84
CA VAL B 241 15.89 -16.75 -3.02
C VAL B 241 16.83 -17.87 -3.40
N THR B 242 18.07 -17.50 -3.66
CA THR B 242 19.08 -18.43 -4.15
C THR B 242 20.19 -18.44 -3.13
N ILE B 243 20.55 -19.63 -2.65
CA ILE B 243 21.61 -19.74 -1.64
C ILE B 243 22.76 -20.50 -2.28
N HIS B 244 23.94 -19.89 -2.36
CA HIS B 244 25.15 -20.57 -2.89
C HIS B 244 25.92 -21.03 -1.70
N MET B 245 26.26 -22.33 -1.65
CA MET B 245 26.92 -22.88 -0.47
C MET B 245 28.27 -23.54 -0.79
N LYS B 246 29.23 -23.38 0.11
CA LYS B 246 30.55 -24.06 0.03
C LYS B 246 30.94 -24.65 1.38
N GLU B 247 31.10 -25.97 1.41
CA GLU B 247 31.60 -26.69 2.59
C GLU B 247 33.06 -27.00 2.33
N THR B 248 33.85 -27.13 3.39
CA THR B 248 35.25 -27.51 3.26
C THR B 248 35.40 -28.76 4.11
N THR B 249 35.76 -29.88 3.48
CA THR B 249 35.96 -31.16 4.20
C THR B 249 37.22 -31.09 5.04
N ILE B 250 37.39 -32.11 5.89
CA ILE B 250 38.57 -32.19 6.75
C ILE B 250 39.90 -32.17 5.96
N ASP B 251 39.81 -32.56 4.69
CA ASP B 251 40.98 -32.63 3.81
C ASP B 251 41.14 -31.47 2.85
N GLY B 252 40.32 -30.45 3.07
CA GLY B 252 40.46 -29.16 2.44
C GLY B 252 39.79 -29.08 1.10
N GLU B 253 39.02 -30.11 0.73
CA GLU B 253 38.31 -30.13 -0.54
C GLU B 253 37.05 -29.33 -0.36
N GLU B 254 36.66 -28.61 -1.40
CA GLU B 254 35.48 -27.76 -1.26
C GLU B 254 34.28 -28.41 -1.92
N LEU B 255 33.12 -28.34 -1.25
CA LEU B 255 31.90 -28.94 -1.75
C LEU B 255 30.87 -27.82 -2.04
N VAL B 256 30.28 -27.88 -3.23
CA VAL B 256 29.35 -26.85 -3.68
C VAL B 256 27.92 -27.36 -3.76
N LYS B 257 27.00 -26.55 -3.27
CA LYS B 257 25.61 -26.74 -3.61
C LYS B 257 24.91 -25.38 -3.76
N ILE B 258 23.90 -25.39 -4.59
CA ILE B 258 23.10 -24.20 -4.84
C ILE B 258 21.66 -24.61 -4.63
N GLY B 259 20.97 -23.88 -3.76
CA GLY B 259 19.54 -24.12 -3.55
C GLY B 259 18.75 -22.89 -3.97
N LYS B 260 17.68 -23.11 -4.72
CA LYS B 260 16.78 -21.99 -5.09
C LYS B 260 15.35 -22.25 -4.59
N LEU B 261 14.77 -21.23 -3.95
CA LEU B 261 13.41 -21.31 -3.51
C LEU B 261 12.58 -20.20 -4.23
N ASN B 262 11.54 -20.62 -4.95
CA ASN B 262 10.60 -19.69 -5.58
C ASN B 262 9.36 -19.67 -4.74
N LEU B 263 8.99 -18.46 -4.36
CA LEU B 263 7.79 -18.29 -3.57
C LEU B 263 6.83 -17.46 -4.43
N VAL B 264 5.80 -18.15 -4.91
CA VAL B 264 4.93 -17.65 -6.01
C VAL B 264 3.52 -17.32 -5.50
N ASP B 265 3.14 -16.06 -5.63
CA ASP B 265 1.81 -15.59 -5.18
C ASP B 265 1.01 -15.38 -6.47
N LEU B 266 0.17 -16.37 -6.80
CA LEU B 266 -0.59 -16.38 -8.06
C LEU B 266 -1.65 -15.30 -8.12
N ALA B 267 -2.02 -14.92 -9.35
CA ALA B 267 -3.21 -14.09 -9.53
C ALA B 267 -4.43 -14.76 -8.95
N GLY B 268 -5.37 -13.96 -8.46
CA GLY B 268 -6.66 -14.50 -7.87
C GLY B 268 -7.38 -15.42 -8.82
N SER B 269 -7.79 -16.60 -8.32
CA SER B 269 -8.44 -17.60 -9.15
C SER B 269 -9.89 -17.33 -9.55
N GLU B 270 -10.54 -16.31 -8.97
CA GLU B 270 -12.00 -16.10 -9.14
C GLU B 270 -12.44 -15.92 -10.57
N ASN B 271 -13.62 -16.45 -10.90
CA ASN B 271 -14.14 -16.31 -12.24
C ASN B 271 -15.42 -15.48 -12.20
N ILE B 288 -8.92 -13.86 -19.49
CA ILE B 288 -8.11 -12.64 -19.57
C ILE B 288 -6.68 -12.80 -19.05
N ASN B 289 -6.45 -13.81 -18.22
CA ASN B 289 -5.14 -13.96 -17.59
C ASN B 289 -4.45 -15.15 -18.26
N GLN B 290 -3.62 -14.87 -19.26
CA GLN B 290 -3.05 -15.98 -20.07
C GLN B 290 -2.21 -16.94 -19.21
N SER B 291 -1.46 -16.36 -18.28
CA SER B 291 -0.63 -17.14 -17.39
C SER B 291 -1.41 -18.00 -16.44
N LEU B 292 -2.50 -17.47 -15.86
CA LEU B 292 -3.36 -18.35 -15.05
C LEU B 292 -4.02 -19.46 -15.85
N LEU B 293 -4.56 -19.09 -17.00
CA LEU B 293 -5.17 -20.09 -17.87
C LEU B 293 -4.18 -21.19 -18.22
N THR B 294 -2.95 -20.80 -18.54
CA THR B 294 -1.94 -21.77 -19.06
C THR B 294 -1.48 -22.65 -17.87
N LEU B 295 -1.33 -22.03 -16.69
CA LEU B 295 -1.04 -22.84 -15.50
C LEU B 295 -2.05 -23.99 -15.37
N GLY B 296 -3.34 -23.68 -15.44
CA GLY B 296 -4.41 -24.69 -15.34
C GLY B 296 -4.27 -25.77 -16.42
N ARG B 297 -3.98 -25.32 -17.64
CA ARG B 297 -3.84 -26.25 -18.76
C ARG B 297 -2.61 -27.11 -18.61
N VAL B 298 -1.52 -26.55 -18.08
CA VAL B 298 -0.29 -27.30 -17.79
C VAL B 298 -0.58 -28.39 -16.74
N ILE B 299 -1.33 -28.03 -15.72
CA ILE B 299 -1.65 -28.99 -14.65
C ILE B 299 -2.49 -30.14 -15.21
N THR B 300 -3.51 -29.79 -15.99
CA THR B 300 -4.37 -30.78 -16.63
C THR B 300 -3.57 -31.74 -17.51
N ALA B 301 -2.69 -31.17 -18.34
CA ALA B 301 -1.82 -31.97 -19.22
C ALA B 301 -0.95 -32.94 -18.43
N LEU B 302 -0.35 -32.44 -17.35
CA LEU B 302 0.47 -33.27 -16.47
C LEU B 302 -0.33 -34.34 -15.71
N VAL B 303 -1.55 -34.02 -15.23
CA VAL B 303 -2.33 -35.02 -14.48
C VAL B 303 -2.93 -36.10 -15.40
N GLU B 304 -3.30 -35.70 -16.60
CA GLU B 304 -3.85 -36.61 -17.61
C GLU B 304 -2.76 -37.34 -18.39
N ARG B 305 -1.51 -36.97 -18.12
CA ARG B 305 -0.30 -37.52 -18.77
C ARG B 305 -0.35 -37.42 -20.30
N THR B 306 -0.97 -36.34 -20.81
CA THR B 306 -0.92 -35.99 -22.24
C THR B 306 0.55 -35.69 -22.54
N PRO B 307 1.04 -36.15 -23.72
CA PRO B 307 2.47 -35.95 -23.98
C PRO B 307 2.86 -34.48 -24.12
N HIS B 308 2.06 -33.71 -24.87
CA HIS B 308 2.29 -32.28 -24.98
C HIS B 308 1.73 -31.44 -23.81
N VAL B 309 2.64 -30.70 -23.19
CA VAL B 309 2.29 -29.84 -22.05
C VAL B 309 2.66 -28.40 -22.43
N PRO B 310 1.66 -27.50 -22.43
CA PRO B 310 1.83 -26.20 -23.07
C PRO B 310 2.56 -25.12 -22.28
N TYR B 311 3.75 -25.44 -21.76
CA TYR B 311 4.55 -24.49 -20.96
C TYR B 311 4.80 -23.18 -21.68
N ARG B 312 5.15 -23.27 -22.98
CA ARG B 312 5.54 -22.09 -23.73
C ARG B 312 4.37 -21.14 -23.98
N GLU B 313 3.12 -21.58 -23.73
CA GLU B 313 1.96 -20.69 -23.97
C GLU B 313 1.77 -19.53 -22.99
N SER B 314 2.57 -19.47 -21.92
CA SER B 314 2.60 -18.26 -21.10
C SER B 314 3.96 -17.95 -20.48
N LYS B 315 4.17 -16.69 -20.09
CA LYS B 315 5.38 -16.32 -19.35
C LYS B 315 5.54 -17.08 -18.04
N LEU B 316 4.46 -17.13 -17.27
CA LEU B 316 4.55 -17.76 -15.94
C LEU B 316 5.02 -19.23 -16.06
N THR B 317 4.42 -19.97 -16.98
CA THR B 317 4.74 -21.40 -17.13
C THR B 317 6.12 -21.62 -17.78
N ARG B 318 6.58 -20.67 -18.62
CA ARG B 318 7.96 -20.77 -19.17
C ARG B 318 8.97 -20.52 -18.03
N ILE B 319 8.68 -19.53 -17.21
CA ILE B 319 9.52 -19.20 -16.05
C ILE B 319 9.60 -20.38 -15.06
N LEU B 320 8.46 -21.02 -14.81
CA LEU B 320 8.35 -22.01 -13.73
C LEU B 320 8.28 -23.46 -14.24
N GLN B 321 8.71 -23.66 -15.49
CA GLN B 321 8.65 -24.96 -16.17
C GLN B 321 9.13 -26.11 -15.24
N ASP B 322 10.26 -25.87 -14.57
CA ASP B 322 10.84 -26.92 -13.70
C ASP B 322 10.01 -27.27 -12.44
N SER B 323 9.12 -26.36 -12.05
CA SER B 323 8.23 -26.56 -10.90
C SER B 323 6.94 -27.33 -11.22
N LEU B 324 6.72 -27.59 -12.50
CA LEU B 324 5.50 -28.28 -12.93
C LEU B 324 5.88 -29.55 -13.70
N GLY B 325 6.05 -30.65 -12.96
CA GLY B 325 6.47 -31.94 -13.52
C GLY B 325 7.95 -32.01 -13.86
N GLY B 326 8.75 -31.17 -13.23
CA GLY B 326 10.19 -31.15 -13.48
C GLY B 326 10.96 -31.63 -12.26
N ARG B 327 12.20 -31.18 -12.14
CA ARG B 327 13.09 -31.64 -11.09
C ARG B 327 13.06 -30.78 -9.82
N THR B 328 12.14 -29.82 -9.78
CA THR B 328 11.95 -29.00 -8.58
C THR B 328 10.90 -29.62 -7.65
N ARG B 329 11.13 -29.55 -6.34
CA ARG B 329 10.18 -30.01 -5.33
C ARG B 329 9.11 -28.93 -5.11
N THR B 330 7.86 -29.27 -5.40
CA THR B 330 6.80 -28.25 -5.45
C THR B 330 5.70 -28.54 -4.42
N SER B 331 5.27 -27.47 -3.73
CA SER B 331 4.08 -27.47 -2.89
C SER B 331 3.11 -26.39 -3.33
N ILE B 332 1.80 -26.64 -3.10
CA ILE B 332 0.76 -25.65 -3.35
C ILE B 332 0.02 -25.43 -2.04
N ILE B 333 -0.05 -24.16 -1.60
CA ILE B 333 -0.94 -23.77 -0.50
C ILE B 333 -2.18 -23.18 -1.15
N ALA B 334 -3.26 -23.97 -1.08
CA ALA B 334 -4.57 -23.58 -1.58
C ALA B 334 -5.35 -22.81 -0.50
N THR B 335 -5.62 -21.54 -0.76
CA THR B 335 -6.25 -20.69 0.28
C THR B 335 -7.77 -20.61 0.05
N ILE B 336 -8.55 -20.71 1.14
CA ILE B 336 -10.02 -20.70 1.04
C ILE B 336 -10.69 -19.81 2.09
N SER B 337 -11.97 -19.51 1.85
CA SER B 337 -12.80 -18.70 2.76
C SER B 337 -13.76 -19.57 3.60
N PRO B 338 -14.06 -19.13 4.83
CA PRO B 338 -15.11 -19.76 5.65
C PRO B 338 -16.54 -19.33 5.28
N ALA B 339 -16.67 -18.23 4.54
CA ALA B 339 -17.96 -17.58 4.32
C ALA B 339 -18.86 -18.32 3.33
N SER B 340 -20.13 -18.54 3.68
CA SER B 340 -21.09 -19.08 2.74
C SER B 340 -21.11 -18.29 1.42
N LEU B 341 -20.81 -16.99 1.46
CA LEU B 341 -20.80 -16.10 0.27
C LEU B 341 -19.86 -16.67 -0.79
N ASN B 342 -18.84 -17.38 -0.35
CA ASN B 342 -17.70 -17.78 -1.20
C ASN B 342 -17.75 -19.25 -1.56
N LEU B 343 -18.86 -19.93 -1.21
CA LEU B 343 -19.00 -21.37 -1.47
C LEU B 343 -18.56 -21.83 -2.86
N GLU B 344 -19.10 -21.24 -3.92
CA GLU B 344 -18.74 -21.68 -5.29
C GLU B 344 -17.21 -21.56 -5.55
N GLU B 345 -16.59 -20.43 -5.21
CA GLU B 345 -15.14 -20.31 -5.47
C GLU B 345 -14.32 -21.20 -4.53
N THR B 346 -14.83 -21.43 -3.33
CA THR B 346 -14.17 -22.34 -2.40
C THR B 346 -14.12 -23.75 -2.94
N LEU B 347 -15.26 -24.23 -3.46
CA LEU B 347 -15.32 -25.53 -4.11
C LEU B 347 -14.43 -25.58 -5.35
N SER B 348 -14.49 -24.54 -6.18
CA SER B 348 -13.56 -24.44 -7.32
C SER B 348 -12.06 -24.59 -6.94
N THR B 349 -11.62 -23.83 -5.93
CA THR B 349 -10.26 -23.98 -5.38
C THR B 349 -9.90 -25.41 -4.91
N LEU B 350 -10.78 -25.99 -4.11
CA LEU B 350 -10.52 -27.34 -3.59
C LEU B 350 -10.40 -28.38 -4.68
N GLU B 351 -11.31 -28.33 -5.65
CA GLU B 351 -11.26 -29.24 -6.80
C GLU B 351 -9.96 -29.03 -7.61
N TYR B 352 -9.61 -27.77 -7.84
CA TYR B 352 -8.33 -27.47 -8.49
C TYR B 352 -7.14 -28.05 -7.73
N ALA B 353 -7.03 -27.78 -6.43
CA ALA B 353 -5.91 -28.24 -5.64
C ALA B 353 -5.93 -29.77 -5.52
N HIS B 354 -7.12 -30.33 -5.40
CA HIS B 354 -7.21 -31.77 -5.19
C HIS B 354 -6.76 -32.52 -6.45
N ARG B 355 -7.06 -32.00 -7.63
CA ARG B 355 -6.55 -32.54 -8.90
C ARG B 355 -5.02 -32.41 -9.01
N ALA B 356 -4.47 -31.28 -8.54
CA ALA B 356 -3.05 -31.03 -8.58
C ALA B 356 -2.21 -32.06 -7.80
N LYS B 357 -2.82 -32.72 -6.82
CA LYS B 357 -2.14 -33.74 -5.98
C LYS B 357 -1.47 -34.82 -6.81
N ASN B 358 -2.05 -35.06 -7.99
CA ASN B 358 -1.64 -36.12 -8.89
C ASN B 358 -0.44 -35.78 -9.81
N ILE B 359 0.12 -34.58 -9.65
CA ILE B 359 1.31 -34.22 -10.41
C ILE B 359 2.55 -34.90 -9.81
N LEU B 360 3.32 -35.55 -10.67
CA LEU B 360 4.53 -36.25 -10.25
C LEU B 360 5.78 -35.45 -10.63
N ASN B 361 6.52 -34.99 -9.63
CA ASN B 361 7.82 -34.35 -9.82
C ASN B 361 8.96 -35.28 -9.46
N LYS B 362 10.12 -35.09 -10.09
CA LYS B 362 11.34 -35.82 -9.76
C LYS B 362 12.35 -34.91 -9.07
#